data_5WMF
#
_entry.id   5WMF
#
_cell.length_a   31.280
_cell.length_b   84.768
_cell.length_c   84.709
_cell.angle_alpha   60.01
_cell.angle_beta   87.31
_cell.angle_gamma   88.53
#
_symmetry.space_group_name_H-M   'P 1'
#
loop_
_entity.id
_entity.type
_entity.pdbx_description
1 polymer 'Epstein-Barr nuclear antigen 1'
2 water water
#
_entity_poly.entity_id   1
_entity_poly.type   'polypeptide(L)'
_entity_poly.pdbx_seq_one_letter_code
;GSHMGQGGSNPKFENIAEGLRALLARSHVERTTDEGTWVAGVFVYGGSKTSLYNLRRGTALAIPQCRLTPLSRLPFGMAP
GPGPQPGPLRESIVCYFMVFLQTHIFAEVLKDAIKDLVMTKPAPTCNIRVTVCSFDDGVDLPPWFPPMVEGAAA
;
_entity_poly.pdbx_strand_id   A,B,C,D,E,F
#
# COMPACT_ATOMS: atom_id res chain seq x y z
N ASN A 10 -30.39 16.88 9.70
CA ASN A 10 -31.16 16.41 10.85
C ASN A 10 -32.16 15.34 10.38
N PRO A 11 -33.21 15.02 11.16
CA PRO A 11 -33.93 13.84 10.67
C PRO A 11 -34.60 14.10 9.32
N LYS A 12 -35.25 13.11 8.72
CA LYS A 12 -35.38 11.73 9.21
C LYS A 12 -34.03 11.01 9.39
N PHE A 13 -32.98 11.59 8.81
CA PHE A 13 -31.70 10.91 8.74
C PHE A 13 -31.16 10.60 10.13
N GLU A 14 -31.11 11.62 11.00
CA GLU A 14 -30.47 11.44 12.30
C GLU A 14 -31.20 10.44 13.20
N ASN A 15 -32.51 10.33 13.04
CA ASN A 15 -33.32 9.42 13.87
C ASN A 15 -33.14 7.99 13.44
N ILE A 16 -33.03 7.82 12.14
CA ILE A 16 -32.63 6.53 11.60
C ILE A 16 -31.20 6.24 12.07
N ALA A 17 -30.30 7.23 11.98
CA ALA A 17 -28.90 7.04 12.40
C ALA A 17 -28.84 6.53 13.84
N GLU A 18 -29.47 7.22 14.76
CA GLU A 18 -29.42 6.77 16.15
C GLU A 18 -30.10 5.40 16.34
N GLY A 19 -31.14 5.14 15.55
CA GLY A 19 -31.88 3.89 15.64
C GLY A 19 -30.92 2.76 15.37
N LEU A 20 -30.12 2.92 14.31
CA LEU A 20 -29.21 1.87 13.93
C LEU A 20 -28.09 1.77 14.94
N ARG A 21 -27.60 2.93 15.39
CA ARG A 21 -26.41 2.92 16.29
C ARG A 21 -26.66 2.10 17.54
N ALA A 22 -27.89 2.23 18.05
CA ALA A 22 -28.36 1.54 19.22
C ALA A 22 -28.40 0.03 19.02
N LEU A 23 -28.87 -0.39 17.85
CA LEU A 23 -28.87 -1.81 17.49
C LEU A 23 -27.50 -2.39 17.19
N LEU A 24 -26.67 -1.62 16.52
CA LEU A 24 -25.33 -2.08 16.23
C LEU A 24 -24.62 -2.28 17.55
N ALA A 25 -24.99 -1.50 18.55
CA ALA A 25 -24.32 -1.65 19.82
C ALA A 25 -24.70 -2.96 20.57
N ARG A 26 -25.67 -3.73 20.08
CA ARG A 26 -25.99 -5.02 20.74
C ARG A 26 -24.86 -6.02 20.58
N SER A 27 -23.98 -5.74 19.62
CA SER A 27 -22.89 -6.65 19.28
C SER A 27 -21.55 -5.93 19.51
N HIS A 28 -20.55 -6.65 20.03
CA HIS A 28 -19.17 -6.17 20.03
C HIS A 28 -18.43 -6.84 18.88
N VAL A 29 -18.27 -6.13 17.76
CA VAL A 29 -17.55 -6.67 16.61
C VAL A 29 -16.61 -5.67 15.93
N GLU A 30 -15.52 -6.17 15.38
CA GLU A 30 -14.58 -5.32 14.63
C GLU A 30 -15.31 -4.74 13.40
N ARG A 31 -15.19 -3.43 13.18
CA ARG A 31 -15.66 -2.80 11.92
C ARG A 31 -14.60 -2.67 10.85
N THR A 32 -13.34 -2.72 11.26
CA THR A 32 -12.22 -2.60 10.32
C THR A 32 -11.13 -3.65 10.50
N THR A 33 -10.31 -3.83 9.46
CA THR A 33 -9.19 -4.78 9.47
C THR A 33 -7.91 -4.03 9.16
N ASP A 34 -6.77 -4.68 9.39
CA ASP A 34 -5.46 -4.12 9.07
C ASP A 34 -5.31 -4.08 7.56
N GLU A 35 -5.73 -5.15 6.91
CA GLU A 35 -5.74 -5.21 5.44
C GLU A 35 -6.42 -4.00 4.80
N GLY A 36 -7.58 -3.57 5.35
CA GLY A 36 -8.32 -2.45 4.81
C GLY A 36 -9.19 -2.81 3.61
N THR A 37 -9.30 -4.10 3.30
CA THR A 37 -9.97 -4.58 2.08
C THR A 37 -11.50 -4.75 2.25
N TRP A 38 -12.22 -4.49 1.16
CA TRP A 38 -13.68 -4.49 1.18
C TRP A 38 -14.18 -5.78 0.69
N VAL A 39 -14.42 -6.69 1.64
CA VAL A 39 -14.68 -8.11 1.40
C VAL A 39 -16.12 -8.50 1.71
N ALA A 40 -16.83 -7.60 2.37
CA ALA A 40 -18.15 -7.86 2.88
C ALA A 40 -19.03 -6.72 2.42
N GLY A 41 -20.32 -6.93 2.46
CA GLY A 41 -21.26 -5.90 2.07
C GLY A 41 -22.67 -6.26 2.49
N VAL A 42 -23.57 -5.29 2.41
CA VAL A 42 -24.98 -5.49 2.76
C VAL A 42 -25.82 -4.93 1.62
N PHE A 43 -26.55 -5.81 0.95
CA PHE A 43 -27.39 -5.44 -0.19
C PHE A 43 -28.83 -5.11 0.23
N VAL A 44 -29.20 -3.84 0.13
CA VAL A 44 -30.46 -3.30 0.61
C VAL A 44 -31.37 -2.82 -0.49
N TYR A 45 -32.62 -3.31 -0.54
CA TYR A 45 -33.49 -3.06 -1.71
C TYR A 45 -35.01 -3.07 -1.32
N GLY A 46 -35.83 -2.60 -2.23
CA GLY A 46 -37.26 -2.57 -1.98
C GLY A 46 -37.72 -1.37 -1.22
N GLY A 47 -38.97 -1.44 -0.77
CA GLY A 47 -39.63 -0.33 -0.12
C GLY A 47 -40.07 0.73 -1.13
N SER A 48 -39.44 1.87 -1.07
CA SER A 48 -39.58 2.91 -2.07
C SER A 48 -38.25 3.65 -2.13
N LYS A 49 -38.10 4.54 -3.10
CA LYS A 49 -36.85 5.24 -3.30
C LYS A 49 -36.56 6.11 -2.12
N THR A 50 -37.62 6.77 -1.70
CA THR A 50 -37.55 7.70 -0.58
C THR A 50 -37.18 6.98 0.71
N SER A 51 -37.73 5.78 0.96
CA SER A 51 -37.48 5.07 2.22
C SER A 51 -36.05 4.54 2.22
N LEU A 52 -35.60 4.05 1.07
CA LEU A 52 -34.21 3.65 0.88
C LEU A 52 -33.27 4.82 0.98
N TYR A 53 -33.67 5.97 0.45
CA TYR A 53 -32.82 7.15 0.50
C TYR A 53 -32.48 7.50 1.95
N ASN A 54 -33.48 7.48 2.84
CA ASN A 54 -33.30 7.97 4.21
C ASN A 54 -32.52 6.98 5.03
N LEU A 55 -32.76 5.71 4.74
CA LEU A 55 -32.07 4.62 5.43
C LEU A 55 -30.57 4.67 5.10
N ARG A 56 -30.27 4.98 3.84
CA ARG A 56 -28.92 5.16 3.33
C ARG A 56 -28.17 6.30 4.05
N ARG A 57 -28.75 7.51 4.00
CA ARG A 57 -28.23 8.64 4.71
C ARG A 57 -28.05 8.29 6.17
N GLY A 58 -29.06 7.68 6.77
CA GLY A 58 -28.97 7.29 8.16
C GLY A 58 -27.79 6.34 8.42
N THR A 59 -27.54 5.43 7.47
CA THR A 59 -26.50 4.41 7.61
C THR A 59 -25.12 5.06 7.58
N ALA A 60 -24.93 5.99 6.64
CA ALA A 60 -23.71 6.80 6.56
C ALA A 60 -23.34 7.49 7.88
N LEU A 61 -24.35 8.01 8.58
CA LEU A 61 -24.12 8.72 9.86
C LEU A 61 -23.80 7.74 10.98
N ALA A 62 -24.50 6.62 10.98
CA ALA A 62 -24.25 5.59 11.98
C ALA A 62 -22.90 4.87 11.80
N ILE A 63 -22.46 4.69 10.55
CA ILE A 63 -21.28 3.91 10.32
C ILE A 63 -20.29 4.67 9.44
N PRO A 64 -19.41 5.47 10.06
CA PRO A 64 -18.40 6.18 9.26
C PRO A 64 -17.42 5.22 8.56
N GLN A 65 -17.30 3.98 9.02
CA GLN A 65 -16.32 3.05 8.44
C GLN A 65 -16.81 2.26 7.20
N CYS A 66 -18.06 2.48 6.78
CA CYS A 66 -18.63 1.83 5.60
C CYS A 66 -18.53 2.75 4.41
N ARG A 67 -18.86 2.22 3.24
CA ARG A 67 -18.89 3.03 2.03
C ARG A 67 -20.19 2.70 1.34
N LEU A 68 -20.81 3.68 0.69
CA LEU A 68 -22.15 3.42 0.14
C LEU A 68 -22.24 3.67 -1.32
N THR A 69 -22.92 2.80 -2.09
CA THR A 69 -23.23 3.16 -3.48
C THR A 69 -24.32 4.22 -3.48
N PRO A 70 -24.50 4.90 -4.61
CA PRO A 70 -25.71 5.72 -4.65
C PRO A 70 -26.89 4.80 -4.79
N LEU A 71 -28.10 5.33 -4.68
CA LEU A 71 -29.28 4.59 -5.13
C LEU A 71 -29.23 4.16 -6.61
N SER A 72 -29.77 2.99 -6.91
CA SER A 72 -29.95 2.57 -8.29
C SER A 72 -31.12 1.58 -8.37
N ARG A 73 -31.37 1.04 -9.55
CA ARG A 73 -32.57 0.25 -9.81
C ARG A 73 -32.21 -1.21 -10.09
N LEU A 74 -33.13 -2.12 -9.74
CA LEU A 74 -32.89 -3.54 -9.93
C LEU A 74 -33.55 -3.97 -11.22
N PRO A 75 -32.92 -4.95 -11.93
CA PRO A 75 -33.51 -5.64 -13.06
C PRO A 75 -34.61 -6.59 -12.56
N PHE A 76 -35.24 -7.29 -13.48
CA PHE A 76 -36.37 -8.15 -13.09
C PHE A 76 -35.81 -9.52 -12.80
N GLY A 77 -36.68 -10.44 -12.39
CA GLY A 77 -36.27 -11.78 -12.01
C GLY A 77 -36.81 -12.75 -13.03
N MET A 78 -37.53 -13.79 -12.55
CA MET A 78 -38.09 -14.83 -13.42
C MET A 78 -39.57 -14.56 -13.86
N ALA A 79 -40.19 -15.58 -14.46
CA ALA A 79 -41.54 -15.51 -15.02
C ALA A 79 -42.69 -15.70 -14.02
N PRO A 80 -43.28 -16.90 -13.85
CA PRO A 80 -43.31 -18.22 -14.53
C PRO A 80 -44.22 -18.14 -15.76
N GLY A 81 -44.37 -19.23 -16.50
CA GLY A 81 -45.07 -19.25 -17.79
C GLY A 81 -44.12 -19.24 -18.99
N PRO A 82 -42.83 -19.57 -18.76
CA PRO A 82 -41.69 -19.35 -19.64
C PRO A 82 -41.88 -18.53 -20.92
N GLY A 83 -42.77 -17.53 -20.97
CA GLY A 83 -43.03 -16.81 -22.21
C GLY A 83 -42.95 -15.30 -22.23
N PRO A 84 -41.75 -14.73 -22.41
CA PRO A 84 -40.41 -15.30 -22.18
C PRO A 84 -39.89 -14.62 -20.95
N GLN A 85 -38.58 -14.60 -20.75
CA GLN A 85 -38.05 -13.77 -19.69
C GLN A 85 -37.73 -12.39 -20.23
N PRO A 86 -37.72 -11.38 -19.34
CA PRO A 86 -37.26 -10.07 -19.78
C PRO A 86 -35.81 -10.10 -20.21
N GLY A 87 -35.37 -9.12 -20.99
CA GLY A 87 -33.94 -8.99 -21.22
C GLY A 87 -33.18 -8.83 -19.90
N PRO A 88 -31.91 -9.23 -19.89
CA PRO A 88 -31.10 -8.98 -18.69
C PRO A 88 -30.92 -7.50 -18.38
N LEU A 89 -31.25 -6.65 -19.34
CA LEU A 89 -31.09 -5.21 -19.20
C LEU A 89 -32.34 -4.49 -18.68
N ARG A 90 -33.49 -5.15 -18.69
CA ARG A 90 -34.72 -4.47 -18.35
C ARG A 90 -34.68 -4.13 -16.88
N GLU A 91 -35.12 -2.93 -16.54
CA GLU A 91 -35.05 -2.38 -15.19
C GLU A 91 -36.39 -2.19 -14.59
N SER A 92 -36.54 -2.69 -13.37
CA SER A 92 -37.75 -2.50 -12.56
C SER A 92 -37.70 -1.12 -11.95
N ILE A 93 -38.74 -0.77 -11.19
CA ILE A 93 -38.76 0.50 -10.45
C ILE A 93 -38.32 0.30 -9.01
N VAL A 94 -37.89 -0.94 -8.72
CA VAL A 94 -37.43 -1.31 -7.39
C VAL A 94 -36.01 -0.82 -7.26
N CYS A 95 -35.72 -0.12 -6.17
CA CYS A 95 -34.41 0.49 -6.02
C CYS A 95 -33.58 -0.34 -5.06
N TYR A 96 -32.26 -0.06 -5.04
CA TYR A 96 -31.33 -0.71 -4.14
C TYR A 96 -30.15 0.21 -3.79
N PHE A 97 -29.36 -0.17 -2.81
CA PHE A 97 -28.02 0.37 -2.69
C PHE A 97 -27.18 -0.65 -1.98
N MET A 98 -25.85 -0.51 -2.13
CA MET A 98 -24.86 -1.35 -1.47
C MET A 98 -24.01 -0.69 -0.38
N VAL A 99 -23.72 -1.46 0.66
CA VAL A 99 -22.85 -1.04 1.77
C VAL A 99 -21.62 -1.89 1.63
N PHE A 100 -20.46 -1.31 1.39
CA PHE A 100 -19.19 -2.04 1.56
C PHE A 100 -18.66 -2.01 2.99
N LEU A 101 -18.15 -3.14 3.45
CA LEU A 101 -17.64 -3.29 4.85
C LEU A 101 -16.36 -4.04 4.78
N GLN A 102 -15.48 -3.84 5.76
CA GLN A 102 -14.18 -4.54 5.74
C GLN A 102 -14.24 -5.87 6.46
N THR A 103 -15.33 -6.14 7.18
CA THR A 103 -15.47 -7.45 7.81
C THR A 103 -16.80 -8.13 7.56
N HIS A 104 -16.78 -9.47 7.49
CA HIS A 104 -18.03 -10.25 7.35
C HIS A 104 -18.90 -10.13 8.59
N ILE A 105 -18.28 -10.21 9.75
CA ILE A 105 -19.06 -10.27 10.96
C ILE A 105 -19.80 -8.95 11.17
N PHE A 106 -19.21 -7.82 10.84
CA PHE A 106 -19.92 -6.56 11.03
C PHE A 106 -21.05 -6.53 10.02
N ALA A 107 -20.83 -7.12 8.84
CA ALA A 107 -21.89 -7.10 7.83
C ALA A 107 -23.14 -7.84 8.32
N GLU A 108 -22.99 -8.93 9.07
CA GLU A 108 -24.14 -9.59 9.66
C GLU A 108 -24.83 -8.68 10.63
N VAL A 109 -24.05 -8.02 11.48
CA VAL A 109 -24.60 -7.14 12.50
C VAL A 109 -25.40 -6.02 11.87
N LEU A 110 -24.89 -5.48 10.75
CA LEU A 110 -25.58 -4.40 10.06
C LEU A 110 -26.86 -4.89 9.40
N LYS A 111 -26.85 -6.14 8.92
CA LYS A 111 -28.02 -6.74 8.30
C LYS A 111 -29.14 -6.85 9.30
N ASP A 112 -28.84 -7.53 10.39
CA ASP A 112 -29.74 -7.64 11.51
C ASP A 112 -30.19 -6.27 12.00
N ALA A 113 -29.26 -5.32 12.14
CA ALA A 113 -29.63 -3.99 12.58
C ALA A 113 -30.72 -3.41 11.70
N ILE A 114 -30.49 -3.46 10.39
CA ILE A 114 -31.40 -2.87 9.42
C ILE A 114 -32.73 -3.64 9.43
N LYS A 115 -32.68 -4.97 9.47
CA LYS A 115 -33.91 -5.76 9.49
C LYS A 115 -34.72 -5.48 10.74
N ASP A 116 -34.07 -5.40 11.90
CA ASP A 116 -34.73 -5.12 13.16
C ASP A 116 -35.30 -3.72 13.18
N LEU A 117 -34.60 -2.79 12.56
CA LEU A 117 -35.04 -1.41 12.59
C LEU A 117 -36.25 -1.11 11.70
N VAL A 118 -36.28 -1.67 10.49
CA VAL A 118 -37.39 -1.38 9.56
C VAL A 118 -38.69 -2.14 9.93
N MET A 119 -38.59 -3.24 10.68
CA MET A 119 -39.78 -4.06 10.96
C MET A 119 -40.75 -3.36 11.91
N THR A 120 -40.24 -2.32 12.58
CA THR A 120 -41.03 -1.48 13.47
C THR A 120 -41.61 -0.26 12.78
N LYS A 121 -41.34 -0.09 11.48
CA LYS A 121 -41.79 1.11 10.77
C LYS A 121 -43.04 0.88 9.94
N PRO A 122 -43.77 1.94 9.62
CA PRO A 122 -44.87 1.79 8.68
C PRO A 122 -44.38 1.46 7.27
N ALA A 123 -45.26 1.00 6.38
CA ALA A 123 -44.95 0.93 4.95
C ALA A 123 -44.70 2.34 4.42
N PRO A 124 -43.91 2.47 3.36
CA PRO A 124 -43.22 1.38 2.66
C PRO A 124 -41.95 0.92 3.36
N THR A 125 -41.43 1.69 4.30
CA THR A 125 -40.16 1.36 4.98
C THR A 125 -40.05 -0.10 5.50
N CYS A 126 -41.11 -0.66 6.09
CA CYS A 126 -41.11 -2.08 6.53
C CYS A 126 -40.98 -3.14 5.36
N ASN A 127 -41.18 -2.70 4.12
CA ASN A 127 -40.99 -3.58 2.95
C ASN A 127 -39.53 -3.65 2.43
N ILE A 128 -38.62 -2.96 3.13
CA ILE A 128 -37.22 -2.90 2.73
C ILE A 128 -36.55 -4.22 3.11
N ARG A 129 -35.77 -4.74 2.15
CA ARG A 129 -35.19 -6.04 2.28
C ARG A 129 -33.69 -5.86 2.30
N VAL A 130 -33.02 -6.76 3.00
CA VAL A 130 -31.57 -6.73 3.09
C VAL A 130 -30.94 -8.13 3.16
N THR A 131 -29.78 -8.28 2.55
CA THR A 131 -29.01 -9.50 2.74
C THR A 131 -27.54 -9.23 2.71
N VAL A 132 -26.78 -10.08 3.39
CA VAL A 132 -25.35 -9.95 3.39
C VAL A 132 -24.88 -10.41 2.06
N CYS A 133 -23.84 -9.75 1.58
CA CYS A 133 -23.13 -10.25 0.41
C CYS A 133 -21.66 -10.37 0.75
N SER A 134 -21.01 -11.28 0.03
CA SER A 134 -19.61 -11.57 0.22
C SER A 134 -18.90 -11.54 -1.08
N PHE A 135 -17.74 -10.89 -1.11
CA PHE A 135 -17.00 -10.65 -2.35
C PHE A 135 -15.75 -11.50 -2.34
N ASP A 136 -15.68 -12.51 -3.21
CA ASP A 136 -14.60 -13.53 -3.19
C ASP A 136 -13.21 -12.89 -3.18
N ASP A 137 -13.00 -11.90 -4.04
CA ASP A 137 -11.70 -11.22 -4.15
C ASP A 137 -11.68 -9.79 -3.60
N GLY A 138 -12.70 -9.42 -2.88
CA GLY A 138 -12.82 -8.05 -2.44
C GLY A 138 -13.22 -7.15 -3.60
N VAL A 139 -13.53 -5.92 -3.26
CA VAL A 139 -13.82 -4.84 -4.18
C VAL A 139 -12.78 -3.76 -3.94
N ASP A 140 -12.05 -3.39 -4.99
CA ASP A 140 -10.98 -2.44 -4.78
C ASP A 140 -11.50 -1.03 -5.05
N LEU A 141 -12.18 -0.46 -4.06
CA LEU A 141 -12.70 0.90 -4.14
C LEU A 141 -11.55 1.86 -4.38
N PRO A 142 -11.74 2.89 -5.23
CA PRO A 142 -10.62 3.81 -5.49
C PRO A 142 -10.13 4.55 -4.23
N PRO A 143 -8.82 4.68 -4.07
CA PRO A 143 -8.36 5.31 -2.84
C PRO A 143 -8.63 6.81 -2.85
N TRP A 144 -8.68 7.44 -1.68
CA TRP A 144 -8.98 8.86 -1.56
C TRP A 144 -7.74 9.57 -1.06
N PHE A 145 -7.36 10.62 -1.79
CA PHE A 145 -6.14 11.36 -1.53
C PHE A 145 -6.49 12.83 -1.45
N PRO A 146 -6.64 13.37 -0.22
CA PRO A 146 -7.02 14.79 -0.16
C PRO A 146 -5.83 15.71 0.11
N ASN B 10 -25.08 -3.67 -33.34
CA ASN B 10 -24.09 -2.79 -32.72
C ASN B 10 -22.75 -3.50 -32.66
N PRO B 11 -21.81 -3.13 -33.57
CA PRO B 11 -20.55 -3.88 -33.70
C PRO B 11 -19.87 -4.18 -32.39
N LYS B 12 -19.53 -3.12 -31.66
CA LYS B 12 -18.72 -3.24 -30.45
C LYS B 12 -19.41 -4.12 -29.38
N PHE B 13 -20.73 -4.13 -29.31
CA PHE B 13 -21.43 -5.00 -28.34
C PHE B 13 -21.40 -6.50 -28.71
N GLU B 14 -21.54 -6.83 -29.98
CA GLU B 14 -21.62 -8.22 -30.36
C GLU B 14 -20.24 -8.85 -30.45
N ASN B 15 -19.22 -8.02 -30.62
CA ASN B 15 -17.85 -8.55 -30.64
C ASN B 15 -17.55 -8.96 -29.24
N ILE B 16 -17.99 -8.14 -28.30
CA ILE B 16 -17.85 -8.49 -26.92
C ILE B 16 -18.60 -9.75 -26.57
N ALA B 17 -19.84 -9.87 -27.05
CA ALA B 17 -20.69 -11.01 -26.67
C ALA B 17 -20.07 -12.28 -27.20
N GLU B 18 -19.57 -12.21 -28.42
CA GLU B 18 -18.89 -13.33 -29.06
C GLU B 18 -17.64 -13.71 -28.33
N GLY B 19 -16.91 -12.72 -27.84
CA GLY B 19 -15.78 -12.99 -26.98
C GLY B 19 -16.18 -13.82 -25.79
N LEU B 20 -17.17 -13.32 -25.06
CA LEU B 20 -17.60 -13.98 -23.85
C LEU B 20 -18.09 -15.39 -24.13
N ARG B 21 -18.89 -15.55 -25.15
CA ARG B 21 -19.42 -16.89 -25.50
C ARG B 21 -18.36 -17.95 -25.73
N ALA B 22 -17.38 -17.64 -26.56
CA ALA B 22 -16.26 -18.53 -26.78
C ALA B 22 -15.67 -19.01 -25.47
N LEU B 23 -15.40 -18.06 -24.59
CA LEU B 23 -14.83 -18.36 -23.33
C LEU B 23 -15.81 -19.14 -22.45
N LEU B 24 -17.08 -18.77 -22.43
CA LEU B 24 -17.94 -19.44 -21.49
C LEU B 24 -18.10 -20.84 -21.95
N ALA B 25 -18.00 -21.03 -23.26
CA ALA B 25 -18.11 -22.39 -23.83
C ALA B 25 -17.08 -23.37 -23.29
N ARG B 26 -16.02 -22.91 -22.64
CA ARG B 26 -15.01 -23.86 -22.14
C ARG B 26 -15.54 -24.65 -20.97
N SER B 27 -16.73 -24.28 -20.50
CA SER B 27 -17.28 -24.81 -19.27
C SER B 27 -18.81 -24.71 -19.20
N HIS B 28 -19.45 -25.85 -19.45
CA HIS B 28 -20.90 -26.01 -19.55
C HIS B 28 -21.52 -26.26 -18.20
N VAL B 29 -21.53 -25.24 -17.35
CA VAL B 29 -22.12 -25.42 -16.02
C VAL B 29 -23.53 -24.94 -16.02
N GLU B 30 -24.32 -25.55 -15.13
CA GLU B 30 -25.68 -25.12 -14.87
C GLU B 30 -25.76 -23.58 -14.64
N ARG B 31 -26.66 -22.94 -15.37
CA ARG B 31 -26.87 -21.48 -15.28
C ARG B 31 -28.16 -21.10 -14.54
N THR B 32 -28.98 -22.09 -14.26
CA THR B 32 -30.32 -21.86 -13.75
C THR B 32 -30.69 -23.00 -12.81
N THR B 33 -31.60 -22.70 -11.90
CA THR B 33 -32.15 -23.68 -11.02
C THR B 33 -33.67 -23.64 -11.11
N ASP B 34 -34.30 -24.72 -10.64
CA ASP B 34 -35.74 -24.77 -10.60
C ASP B 34 -36.23 -23.68 -9.67
N GLU B 35 -35.52 -23.48 -8.56
CA GLU B 35 -35.91 -22.46 -7.58
C GLU B 35 -35.99 -21.08 -8.24
N GLY B 36 -35.06 -20.84 -9.17
CA GLY B 36 -35.04 -19.58 -9.89
C GLY B 36 -34.46 -18.47 -9.05
N THR B 37 -33.72 -18.83 -8.00
CA THR B 37 -33.28 -17.87 -6.99
C THR B 37 -32.00 -17.13 -7.33
N TRP B 38 -31.96 -15.82 -7.03
CA TRP B 38 -30.79 -15.02 -7.42
C TRP B 38 -29.78 -14.99 -6.26
N VAL B 39 -28.97 -16.05 -6.15
CA VAL B 39 -28.10 -16.27 -4.99
C VAL B 39 -26.63 -15.90 -5.20
N ALA B 40 -26.26 -15.71 -6.45
CA ALA B 40 -24.86 -15.46 -6.78
C ALA B 40 -24.76 -14.21 -7.60
N GLY B 41 -23.56 -13.71 -7.78
CA GLY B 41 -23.37 -12.60 -8.71
C GLY B 41 -21.95 -12.31 -9.12
N VAL B 42 -21.82 -11.36 -10.04
CA VAL B 42 -20.55 -10.92 -10.52
C VAL B 42 -20.63 -9.39 -10.46
N PHE B 43 -19.60 -8.84 -9.84
CA PHE B 43 -19.45 -7.40 -9.57
C PHE B 43 -18.37 -6.81 -10.42
N VAL B 44 -18.75 -5.99 -11.41
CA VAL B 44 -17.80 -5.54 -12.46
C VAL B 44 -17.59 -4.05 -12.32
N TYR B 45 -16.34 -3.59 -12.32
CA TYR B 45 -16.09 -2.18 -12.08
C TYR B 45 -14.77 -1.75 -12.71
N GLY B 46 -14.49 -0.44 -12.73
CA GLY B 46 -13.22 0.08 -13.14
C GLY B 46 -13.22 0.50 -14.59
N GLY B 47 -12.08 0.43 -15.24
CA GLY B 47 -11.98 0.68 -16.68
C GLY B 47 -12.35 2.11 -16.94
N SER B 48 -13.19 2.34 -17.93
CA SER B 48 -13.81 3.63 -18.13
C SER B 48 -15.30 3.47 -18.13
N LYS B 49 -16.03 4.58 -18.08
CA LYS B 49 -17.49 4.52 -18.08
C LYS B 49 -18.01 3.88 -19.34
N THR B 50 -17.43 4.24 -20.48
CA THR B 50 -17.86 3.70 -21.77
C THR B 50 -17.44 2.23 -22.00
N SER B 51 -16.21 1.86 -21.64
CA SER B 51 -15.80 0.45 -21.79
C SER B 51 -16.63 -0.46 -20.91
N LEU B 52 -17.02 0.05 -19.77
CA LEU B 52 -17.81 -0.73 -18.81
C LEU B 52 -19.17 -0.98 -19.36
N TYR B 53 -19.75 0.09 -19.89
CA TYR B 53 -21.04 0.04 -20.52
C TYR B 53 -20.99 -0.92 -21.69
N ASN B 54 -19.88 -0.90 -22.41
CA ASN B 54 -19.75 -1.79 -23.56
C ASN B 54 -19.74 -3.24 -23.12
N LEU B 55 -19.00 -3.50 -22.05
CA LEU B 55 -18.94 -4.85 -21.45
C LEU B 55 -20.35 -5.30 -20.92
N ARG B 56 -21.01 -4.44 -20.13
CA ARG B 56 -22.43 -4.66 -19.73
C ARG B 56 -23.34 -4.97 -20.91
N ARG B 57 -23.26 -4.19 -21.97
CA ARG B 57 -24.07 -4.54 -23.17
C ARG B 57 -23.61 -5.91 -23.77
N GLY B 58 -22.30 -6.13 -23.83
CA GLY B 58 -21.73 -7.43 -24.17
C GLY B 58 -22.42 -8.59 -23.47
N THR B 59 -22.49 -8.49 -22.14
CA THR B 59 -22.89 -9.60 -21.28
C THR B 59 -24.31 -9.86 -21.49
N ALA B 60 -25.07 -8.78 -21.70
CA ALA B 60 -26.48 -8.89 -21.96
C ALA B 60 -26.74 -9.82 -23.14
N LEU B 61 -26.08 -9.59 -24.27
CA LEU B 61 -26.35 -10.44 -25.43
C LEU B 61 -25.82 -11.87 -25.30
N ALA B 62 -24.75 -12.06 -24.57
CA ALA B 62 -24.16 -13.38 -24.43
C ALA B 62 -24.95 -14.29 -23.49
N ILE B 63 -25.51 -13.73 -22.42
CA ILE B 63 -26.02 -14.54 -21.33
C ILE B 63 -27.45 -14.15 -21.03
N PRO B 64 -28.41 -14.78 -21.71
CA PRO B 64 -29.80 -14.42 -21.40
C PRO B 64 -30.31 -14.91 -20.02
N GLN B 65 -29.57 -15.80 -19.35
CA GLN B 65 -29.98 -16.32 -18.04
C GLN B 65 -29.64 -15.42 -16.83
N CYS B 66 -28.90 -14.35 -17.09
CA CYS B 66 -28.51 -13.40 -16.06
C CYS B 66 -29.35 -12.09 -16.07
N ARG B 67 -29.15 -11.29 -15.00
CA ARG B 67 -29.76 -9.97 -14.83
C ARG B 67 -28.74 -8.93 -14.37
N LEU B 68 -28.91 -7.72 -14.86
CA LEU B 68 -27.89 -6.70 -14.76
C LEU B 68 -28.45 -5.42 -14.26
N THR B 69 -27.71 -4.81 -13.33
CA THR B 69 -27.94 -3.45 -12.98
C THR B 69 -27.42 -2.51 -14.09
N PRO B 70 -27.92 -1.29 -14.08
CA PRO B 70 -27.32 -0.22 -14.85
C PRO B 70 -25.96 0.09 -14.25
N LEU B 71 -25.17 0.89 -14.94
CA LEU B 71 -23.95 1.44 -14.35
C LEU B 71 -24.37 2.34 -13.22
N SER B 72 -23.57 2.34 -12.15
CA SER B 72 -23.63 3.39 -11.10
C SER B 72 -22.20 3.68 -10.63
N ARG B 73 -22.07 4.59 -9.68
CA ARG B 73 -20.76 5.01 -9.18
C ARG B 73 -20.32 4.25 -7.94
N LEU B 74 -19.00 4.13 -7.75
CA LEU B 74 -18.41 3.52 -6.56
C LEU B 74 -18.02 4.61 -5.55
N PRO B 75 -18.22 4.35 -4.25
CA PRO B 75 -17.64 5.26 -3.27
C PRO B 75 -16.13 5.07 -3.22
N PHE B 76 -15.41 5.92 -2.49
CA PHE B 76 -13.98 5.70 -2.25
C PHE B 76 -13.73 4.67 -1.15
N GLY B 77 -12.57 4.04 -1.21
CA GLY B 77 -12.15 3.20 -0.12
C GLY B 77 -11.50 4.01 1.01
N MET B 78 -10.37 3.56 1.50
CA MET B 78 -9.70 4.23 2.60
C MET B 78 -8.81 5.33 2.11
N ALA B 79 -8.58 6.29 3.01
CA ALA B 79 -7.49 7.25 2.82
C ALA B 79 -6.29 6.64 3.46
N PRO B 80 -5.11 6.82 2.86
CA PRO B 80 -3.97 6.22 3.56
C PRO B 80 -3.64 7.02 4.81
N GLY B 81 -3.17 6.34 5.84
CA GLY B 81 -2.75 7.03 7.04
C GLY B 81 -3.88 7.36 8.00
N PRO B 82 -3.56 8.03 9.10
CA PRO B 82 -4.59 8.44 10.05
C PRO B 82 -5.19 9.75 9.57
N GLY B 83 -5.93 10.44 10.40
CA GLY B 83 -6.55 11.66 9.91
C GLY B 83 -7.59 11.36 8.83
N PRO B 84 -7.95 12.37 8.01
CA PRO B 84 -9.22 12.45 7.28
C PRO B 84 -9.56 11.26 6.39
N GLN B 85 -10.79 10.75 6.52
CA GLN B 85 -11.29 9.73 5.62
C GLN B 85 -12.46 10.25 4.83
N PRO B 86 -12.63 9.78 3.58
CA PRO B 86 -13.79 10.20 2.78
C PRO B 86 -15.10 9.84 3.44
N GLY B 87 -16.12 10.64 3.23
CA GLY B 87 -17.42 10.28 3.77
C GLY B 87 -17.87 8.93 3.23
N PRO B 88 -18.78 8.22 3.93
CA PRO B 88 -19.37 7.02 3.32
C PRO B 88 -20.13 7.34 2.03
N LEU B 89 -20.51 8.59 1.84
CA LEU B 89 -21.42 8.90 0.74
C LEU B 89 -20.67 9.53 -0.37
N ARG B 90 -19.41 9.82 -0.14
CA ARG B 90 -18.61 10.50 -1.14
C ARG B 90 -18.48 9.58 -2.33
N GLU B 91 -18.74 10.06 -3.55
CA GLU B 91 -18.77 9.20 -4.74
C GLU B 91 -17.64 9.50 -5.71
N SER B 92 -17.02 8.44 -6.23
CA SER B 92 -15.94 8.56 -7.22
C SER B 92 -16.52 8.57 -8.61
N ILE B 93 -15.66 8.73 -9.62
CA ILE B 93 -16.08 8.57 -11.02
C ILE B 93 -15.89 7.10 -11.52
N VAL B 94 -15.39 6.21 -10.66
CA VAL B 94 -15.22 4.79 -11.04
C VAL B 94 -16.60 4.19 -11.04
N CYS B 95 -16.98 3.54 -12.14
CA CYS B 95 -18.31 2.95 -12.28
C CYS B 95 -18.27 1.42 -12.05
N TYR B 96 -19.45 0.82 -11.81
CA TYR B 96 -19.58 -0.62 -11.59
C TYR B 96 -20.92 -1.07 -12.15
N PHE B 97 -21.10 -2.37 -12.37
CA PHE B 97 -22.45 -2.91 -12.47
C PHE B 97 -22.44 -4.27 -11.86
N MET B 98 -23.63 -4.79 -11.57
CA MET B 98 -23.81 -6.06 -10.91
C MET B 98 -24.54 -6.98 -11.83
N VAL B 99 -24.04 -8.22 -11.91
CA VAL B 99 -24.68 -9.33 -12.61
C VAL B 99 -25.27 -10.35 -11.62
N PHE B 100 -26.60 -10.52 -11.64
CA PHE B 100 -27.24 -11.56 -10.86
C PHE B 100 -27.32 -12.91 -11.59
N LEU B 101 -27.04 -13.96 -10.85
CA LEU B 101 -26.91 -15.31 -11.39
C LEU B 101 -27.55 -16.31 -10.41
N GLN B 102 -28.07 -17.41 -10.95
CA GLN B 102 -28.86 -18.34 -10.14
C GLN B 102 -27.97 -19.41 -9.57
N THR B 103 -26.73 -19.45 -10.04
CA THR B 103 -25.80 -20.44 -9.51
C THR B 103 -24.44 -19.86 -9.25
N HIS B 104 -23.81 -20.37 -8.19
CA HIS B 104 -22.48 -19.96 -7.80
C HIS B 104 -21.40 -20.43 -8.79
N ILE B 105 -21.57 -21.62 -9.36
CA ILE B 105 -20.54 -22.13 -10.25
C ILE B 105 -20.51 -21.29 -11.53
N PHE B 106 -21.67 -20.83 -12.01
CA PHE B 106 -21.62 -20.02 -13.23
C PHE B 106 -21.08 -18.63 -12.92
N ALA B 107 -21.37 -18.11 -11.72
CA ALA B 107 -20.74 -16.88 -11.30
C ALA B 107 -19.24 -17.02 -11.37
N GLU B 108 -18.69 -18.10 -10.87
CA GLU B 108 -17.23 -18.33 -10.97
C GLU B 108 -16.68 -18.37 -12.40
N VAL B 109 -17.47 -18.97 -13.26
CA VAL B 109 -17.13 -19.12 -14.67
C VAL B 109 -17.22 -17.79 -15.40
N LEU B 110 -18.22 -16.99 -15.08
CA LEU B 110 -18.39 -15.74 -15.80
C LEU B 110 -17.30 -14.79 -15.35
N LYS B 111 -16.91 -14.86 -14.07
CA LYS B 111 -15.83 -14.00 -13.58
C LYS B 111 -14.53 -14.33 -14.35
N ASP B 112 -14.29 -15.63 -14.55
CA ASP B 112 -13.10 -16.11 -15.25
C ASP B 112 -13.14 -15.71 -16.68
N ALA B 113 -14.34 -15.73 -17.26
CA ALA B 113 -14.46 -15.32 -18.66
C ALA B 113 -14.20 -13.85 -18.80
N ILE B 114 -14.80 -13.05 -17.93
CA ILE B 114 -14.67 -11.61 -18.07
C ILE B 114 -13.23 -11.21 -17.91
N LYS B 115 -12.55 -11.79 -16.91
CA LYS B 115 -11.13 -11.47 -16.66
C LYS B 115 -10.22 -11.91 -17.80
N ASP B 116 -10.39 -13.15 -18.26
CA ASP B 116 -9.60 -13.62 -19.40
C ASP B 116 -9.87 -12.74 -20.63
N LEU B 117 -11.06 -12.16 -20.75
CA LEU B 117 -11.40 -11.44 -21.99
C LEU B 117 -10.73 -10.08 -21.94
N VAL B 118 -11.01 -9.29 -20.91
CA VAL B 118 -10.45 -7.96 -20.88
C VAL B 118 -8.91 -7.88 -20.81
N MET B 119 -8.22 -8.88 -20.27
CA MET B 119 -6.79 -8.74 -20.14
C MET B 119 -6.08 -8.69 -21.51
N THR B 120 -6.66 -9.31 -22.53
CA THR B 120 -6.09 -9.24 -23.87
C THR B 120 -6.50 -7.97 -24.63
N LYS B 121 -7.28 -7.09 -24.01
CA LYS B 121 -7.79 -5.92 -24.72
C LYS B 121 -7.02 -4.67 -24.37
N PRO B 122 -7.03 -3.70 -25.27
CA PRO B 122 -6.40 -2.44 -24.93
C PRO B 122 -6.94 -1.84 -23.64
N ALA B 123 -6.16 -0.97 -23.04
CA ALA B 123 -6.66 -0.06 -22.01
C ALA B 123 -7.67 0.93 -22.60
N PRO B 124 -8.70 1.29 -21.83
CA PRO B 124 -8.96 1.03 -20.41
C PRO B 124 -9.75 -0.23 -20.09
N THR B 125 -10.31 -0.88 -21.10
CA THR B 125 -11.02 -2.15 -20.93
C THR B 125 -10.21 -3.19 -20.09
N CYS B 126 -8.89 -3.25 -20.27
CA CYS B 126 -8.08 -4.25 -19.58
C CYS B 126 -7.94 -3.89 -18.08
N ASN B 127 -8.34 -2.68 -17.69
CA ASN B 127 -8.26 -2.24 -16.28
C ASN B 127 -9.59 -2.50 -15.54
N ILE B 128 -10.56 -3.06 -16.23
CA ILE B 128 -11.79 -3.52 -15.58
C ILE B 128 -11.50 -4.65 -14.64
N ARG B 129 -12.13 -4.61 -13.47
CA ARG B 129 -11.97 -5.61 -12.44
C ARG B 129 -13.25 -6.36 -12.22
N VAL B 130 -13.17 -7.56 -11.63
CA VAL B 130 -14.37 -8.33 -11.44
C VAL B 130 -14.19 -9.29 -10.32
N THR B 131 -15.24 -9.50 -9.55
CA THR B 131 -15.21 -10.50 -8.50
C THR B 131 -16.57 -11.16 -8.35
N VAL B 132 -16.58 -12.44 -8.06
CA VAL B 132 -17.82 -13.12 -7.74
C VAL B 132 -18.40 -12.51 -6.46
N CYS B 133 -19.69 -12.53 -6.32
CA CYS B 133 -20.24 -12.21 -5.03
C CYS B 133 -21.37 -13.18 -4.70
N SER B 134 -21.56 -13.39 -3.42
CA SER B 134 -22.55 -14.35 -2.92
C SER B 134 -23.53 -13.61 -2.05
N PHE B 135 -24.81 -14.01 -2.09
CA PHE B 135 -25.89 -13.31 -1.38
C PHE B 135 -26.41 -14.33 -0.40
N ASP B 136 -26.23 -14.05 0.88
CA ASP B 136 -26.51 -15.01 1.92
C ASP B 136 -27.95 -15.51 1.88
N ASP B 137 -28.89 -14.60 1.60
CA ASP B 137 -30.33 -14.93 1.61
C ASP B 137 -30.99 -14.59 0.28
N GLY B 138 -30.17 -14.52 -0.76
CA GLY B 138 -30.69 -14.29 -2.08
C GLY B 138 -31.16 -12.86 -2.24
N VAL B 139 -31.46 -12.51 -3.50
CA VAL B 139 -31.97 -11.22 -3.87
C VAL B 139 -33.24 -11.43 -4.63
N ASP B 140 -34.34 -11.01 -4.03
CA ASP B 140 -35.69 -11.10 -4.60
C ASP B 140 -35.98 -10.00 -5.65
N LEU B 141 -35.44 -10.18 -6.86
CA LEU B 141 -35.70 -9.28 -7.98
C LEU B 141 -37.13 -9.45 -8.40
N PRO B 142 -37.79 -8.36 -8.79
CA PRO B 142 -39.24 -8.45 -9.00
C PRO B 142 -39.61 -9.34 -10.18
N PRO B 143 -40.83 -9.87 -10.19
CA PRO B 143 -41.31 -10.63 -11.37
C PRO B 143 -41.65 -9.74 -12.55
N TRP B 144 -41.36 -10.19 -13.76
CA TRP B 144 -41.63 -9.38 -14.96
C TRP B 144 -42.91 -9.79 -15.65
N PHE B 145 -43.56 -8.79 -16.21
CA PHE B 145 -44.75 -8.93 -17.03
C PHE B 145 -44.95 -7.67 -17.89
N PRO B 146 -45.01 -6.45 -17.27
CA PRO B 146 -45.30 -5.17 -17.95
C PRO B 146 -45.22 -5.13 -19.49
N PRO C 11 37.76 12.93 -5.74
CA PRO C 11 36.44 13.54 -5.58
C PRO C 11 35.35 12.53 -5.20
N LYS C 12 34.08 12.78 -5.52
CA LYS C 12 32.98 11.90 -5.10
C LYS C 12 33.07 10.45 -5.67
N PHE C 13 33.75 10.29 -6.80
CA PHE C 13 33.85 8.97 -7.44
C PHE C 13 34.78 8.05 -6.66
N GLU C 14 35.98 8.53 -6.43
CA GLU C 14 36.98 7.69 -5.81
C GLU C 14 36.58 7.40 -4.38
N ASN C 15 35.79 8.27 -3.78
CA ASN C 15 35.35 8.02 -2.42
C ASN C 15 34.38 6.85 -2.39
N ILE C 16 33.39 6.86 -3.29
CA ILE C 16 32.53 5.69 -3.49
C ILE C 16 33.31 4.42 -3.82
N ALA C 17 34.33 4.55 -4.67
CA ALA C 17 35.07 3.38 -5.12
C ALA C 17 35.70 2.73 -3.96
N GLU C 18 36.23 3.56 -3.05
CA GLU C 18 36.90 3.04 -1.89
C GLU C 18 35.89 2.42 -0.96
N GLY C 19 34.68 2.95 -0.95
CA GLY C 19 33.65 2.38 -0.10
C GLY C 19 33.34 0.97 -0.54
N LEU C 20 33.09 0.81 -1.83
CA LEU C 20 32.81 -0.48 -2.38
C LEU C 20 33.97 -1.44 -2.23
N ARG C 21 35.15 -0.91 -2.44
CA ARG C 21 36.33 -1.75 -2.36
C ARG C 21 36.40 -2.35 -0.97
N ALA C 22 36.28 -1.51 0.03
CA ALA C 22 36.43 -2.03 1.38
C ALA C 22 35.37 -3.08 1.71
N LEU C 23 34.18 -2.88 1.17
CA LEU C 23 33.09 -3.75 1.54
C LEU C 23 33.19 -5.05 0.75
N LEU C 24 33.55 -5.00 -0.53
CA LEU C 24 33.58 -6.24 -1.32
C LEU C 24 34.63 -7.19 -0.80
N ALA C 25 35.67 -6.63 -0.21
CA ALA C 25 36.77 -7.43 0.32
C ALA C 25 36.28 -8.46 1.36
N ARG C 26 35.18 -8.16 2.04
CA ARG C 26 34.52 -9.11 2.94
C ARG C 26 34.30 -10.49 2.33
N SER C 27 33.84 -10.51 1.07
CA SER C 27 33.43 -11.71 0.35
C SER C 27 34.20 -11.88 -0.97
N HIS C 28 35.24 -12.69 -0.88
CA HIS C 28 36.24 -12.92 -1.93
C HIS C 28 35.76 -13.99 -2.95
N VAL C 29 34.74 -13.65 -3.72
CA VAL C 29 34.10 -14.63 -4.60
C VAL C 29 34.58 -14.51 -6.04
N GLU C 30 34.45 -15.60 -6.78
CA GLU C 30 34.73 -15.61 -8.21
C GLU C 30 33.89 -14.51 -8.93
N ARG C 31 34.59 -13.61 -9.62
CA ARG C 31 33.98 -12.50 -10.36
C ARG C 31 33.86 -12.76 -11.85
N THR C 32 34.61 -13.74 -12.32
CA THR C 32 34.70 -14.00 -13.74
C THR C 32 34.66 -15.50 -14.02
N THR C 33 34.39 -15.84 -15.28
CA THR C 33 34.35 -17.22 -15.76
C THR C 33 35.09 -17.41 -17.06
N ASP C 34 35.61 -18.62 -17.26
CA ASP C 34 36.22 -19.00 -18.54
C ASP C 34 35.29 -18.62 -19.67
N GLU C 35 33.99 -18.81 -19.46
CA GLU C 35 33.00 -18.69 -20.53
C GLU C 35 32.85 -17.21 -20.93
N GLY C 36 32.98 -16.34 -19.92
CA GLY C 36 32.94 -14.91 -20.12
C GLY C 36 31.56 -14.42 -20.44
N THR C 37 30.54 -15.19 -19.99
CA THR C 37 29.16 -14.89 -20.33
C THR C 37 28.53 -13.96 -19.31
N TRP C 38 27.60 -13.13 -19.74
CA TRP C 38 27.01 -12.15 -18.84
C TRP C 38 25.63 -12.64 -18.33
N VAL C 39 25.62 -13.41 -17.25
CA VAL C 39 24.43 -14.18 -16.84
C VAL C 39 23.69 -13.60 -15.64
N ALA C 40 24.27 -12.55 -15.07
CA ALA C 40 23.72 -11.93 -13.88
C ALA C 40 23.80 -10.43 -13.97
N GLY C 41 23.02 -9.76 -13.12
CA GLY C 41 23.16 -8.33 -12.97
C GLY C 41 22.88 -7.76 -11.58
N VAL C 42 23.05 -6.44 -11.49
CA VAL C 42 22.66 -5.63 -10.36
C VAL C 42 21.93 -4.38 -10.90
N PHE C 43 20.68 -4.25 -10.48
CA PHE C 43 19.79 -3.20 -10.95
C PHE C 43 19.72 -2.09 -9.94
N VAL C 44 20.34 -0.96 -10.26
CA VAL C 44 20.55 0.16 -9.31
C VAL C 44 19.70 1.34 -9.72
N TYR C 45 18.86 1.82 -8.80
CA TYR C 45 17.94 2.89 -9.13
C TYR C 45 17.58 3.75 -7.92
N GLY C 46 16.86 4.84 -8.16
CA GLY C 46 16.38 5.70 -7.10
C GLY C 46 17.39 6.75 -6.79
N GLY C 47 17.27 7.37 -5.64
CA GLY C 47 18.24 8.34 -5.18
C GLY C 47 17.98 9.63 -5.89
N SER C 48 19.03 10.26 -6.36
CA SER C 48 18.87 11.37 -7.28
C SER C 48 19.63 11.08 -8.56
N LYS C 49 19.50 11.88 -9.59
CA LYS C 49 20.23 11.55 -10.81
C LYS C 49 21.70 11.73 -10.60
N THR C 50 22.09 12.79 -9.91
CA THR C 50 23.53 13.03 -9.65
C THR C 50 24.17 12.02 -8.66
N SER C 51 23.40 11.57 -7.68
CA SER C 51 23.92 10.58 -6.72
C SER C 51 24.07 9.22 -7.38
N LEU C 52 23.07 8.84 -8.14
CA LEU C 52 23.11 7.62 -8.94
C LEU C 52 24.29 7.60 -9.88
N TYR C 53 24.50 8.71 -10.55
CA TYR C 53 25.60 8.85 -11.46
C TYR C 53 26.93 8.70 -10.73
N ASN C 54 27.05 9.32 -9.55
CA ASN C 54 28.27 9.18 -8.77
C ASN C 54 28.50 7.72 -8.36
N LEU C 55 27.44 7.06 -7.92
CA LEU C 55 27.54 5.66 -7.59
C LEU C 55 27.98 4.83 -8.80
N ARG C 56 27.45 5.11 -10.00
CA ARG C 56 27.90 4.40 -11.23
C ARG C 56 29.34 4.66 -11.50
N ARG C 57 29.80 5.90 -11.35
CA ARG C 57 31.21 6.15 -11.69
C ARG C 57 32.10 5.43 -10.68
N GLY C 58 31.74 5.49 -9.40
CA GLY C 58 32.48 4.76 -8.38
C GLY C 58 32.47 3.25 -8.62
N THR C 59 31.34 2.68 -9.05
CA THR C 59 31.29 1.24 -9.28
C THR C 59 32.23 0.86 -10.38
N ALA C 60 32.33 1.69 -11.41
CA ALA C 60 33.25 1.44 -12.51
C ALA C 60 34.67 1.41 -12.00
N LEU C 61 35.03 2.38 -11.17
CA LEU C 61 36.42 2.43 -10.67
C LEU C 61 36.80 1.26 -9.76
N ALA C 62 35.86 0.80 -8.97
CA ALA C 62 36.12 -0.30 -8.06
C ALA C 62 36.14 -1.69 -8.71
N ILE C 63 35.33 -1.90 -9.73
CA ILE C 63 35.14 -3.24 -10.30
C ILE C 63 35.41 -3.24 -11.80
N PRO C 64 36.63 -3.57 -12.23
CA PRO C 64 36.88 -3.65 -13.67
C PRO C 64 36.20 -4.87 -14.36
N GLN C 65 35.74 -5.84 -13.57
CA GLN C 65 35.18 -7.07 -14.13
C GLN C 65 33.72 -6.95 -14.49
N CYS C 66 33.10 -5.80 -14.19
CA CYS C 66 31.73 -5.54 -14.54
C CYS C 66 31.55 -4.60 -15.76
N ARG C 67 30.31 -4.56 -16.26
CA ARG C 67 29.93 -3.65 -17.34
C ARG C 67 28.64 -2.90 -16.97
N LEU C 68 28.60 -1.64 -17.36
CA LEU C 68 27.61 -0.74 -16.93
C LEU C 68 26.89 -0.08 -18.06
N THR C 69 25.57 -0.04 -17.97
CA THR C 69 24.81 0.86 -18.82
C THR C 69 24.98 2.31 -18.39
N PRO C 70 24.62 3.26 -19.26
CA PRO C 70 24.46 4.61 -18.78
C PRO C 70 23.25 4.70 -17.85
N LEU C 71 23.05 5.86 -17.27
CA LEU C 71 21.79 6.13 -16.61
C LEU C 71 20.73 6.21 -17.67
N SER C 72 19.52 5.74 -17.34
CA SER C 72 18.29 6.10 -18.08
C SER C 72 17.15 6.13 -17.10
N ARG C 73 15.93 6.34 -17.58
CA ARG C 73 14.78 6.57 -16.69
C ARG C 73 13.92 5.34 -16.50
N LEU C 74 13.18 5.31 -15.41
CA LEU C 74 12.23 4.24 -15.11
C LEU C 74 10.81 4.64 -15.49
N PRO C 75 10.03 3.68 -16.00
CA PRO C 75 8.62 4.02 -16.17
C PRO C 75 7.95 4.00 -14.81
N PHE C 76 6.68 4.37 -14.74
CA PHE C 76 5.95 4.24 -13.51
C PHE C 76 5.46 2.81 -13.35
N GLY C 77 5.23 2.43 -12.12
CA GLY C 77 4.55 1.17 -11.82
C GLY C 77 3.02 1.29 -11.84
N MET C 78 2.37 0.79 -10.79
CA MET C 78 0.91 0.72 -10.74
C MET C 78 0.28 1.98 -10.18
N ALA C 79 -0.84 2.40 -10.77
CA ALA C 79 -1.72 3.40 -10.15
C ALA C 79 -2.62 2.66 -9.19
N PRO C 80 -2.82 3.19 -7.97
CA PRO C 80 -3.73 2.48 -7.06
C PRO C 80 -5.20 2.54 -7.49
N GLY C 81 -5.98 1.55 -7.09
CA GLY C 81 -7.40 1.57 -7.35
C GLY C 81 -7.66 1.06 -8.74
N PRO C 82 -8.92 1.08 -9.17
CA PRO C 82 -9.29 0.44 -10.43
C PRO C 82 -9.44 1.44 -11.56
N GLY C 83 -8.85 2.61 -11.40
CA GLY C 83 -9.01 3.64 -12.41
C GLY C 83 -7.90 3.60 -13.42
N PRO C 84 -7.61 4.75 -14.06
CA PRO C 84 -6.61 4.85 -15.13
C PRO C 84 -5.23 4.45 -14.69
N GLN C 85 -4.48 3.77 -15.57
CA GLN C 85 -3.11 3.38 -15.30
C GLN C 85 -2.19 4.18 -16.22
N PRO C 86 -0.91 4.32 -15.86
CA PRO C 86 0.09 4.93 -16.73
C PRO C 86 0.42 4.06 -17.95
N GLY C 87 0.77 4.70 -19.05
CA GLY C 87 1.06 3.94 -20.24
C GLY C 87 2.32 3.13 -20.04
N PRO C 88 2.45 2.00 -20.75
CA PRO C 88 3.74 1.32 -20.69
C PRO C 88 4.92 2.25 -20.99
N LEU C 89 4.69 3.33 -21.71
CA LEU C 89 5.79 4.14 -22.21
C LEU C 89 6.07 5.37 -21.39
N ARG C 90 5.17 5.68 -20.46
CA ARG C 90 5.25 6.88 -19.65
C ARG C 90 6.53 6.79 -18.82
N GLU C 91 7.35 7.83 -18.82
CA GLU C 91 8.62 7.79 -18.07
C GLU C 91 8.57 8.73 -16.87
N SER C 92 9.12 8.27 -15.75
CA SER C 92 9.26 9.08 -14.55
C SER C 92 10.61 9.80 -14.53
N ILE C 93 10.90 10.51 -13.46
CA ILE C 93 12.22 11.16 -13.32
C ILE C 93 13.19 10.27 -12.51
N VAL C 94 12.74 9.08 -12.12
CA VAL C 94 13.60 8.14 -11.40
C VAL C 94 14.52 7.51 -12.41
N CYS C 95 15.82 7.56 -12.13
CA CYS C 95 16.81 6.92 -13.02
C CYS C 95 17.25 5.56 -12.48
N TYR C 96 17.94 4.79 -13.33
CA TYR C 96 18.51 3.51 -12.95
C TYR C 96 19.76 3.29 -13.79
N PHE C 97 20.56 2.32 -13.41
CA PHE C 97 21.49 1.76 -14.36
C PHE C 97 21.64 0.32 -14.00
N MET C 98 22.24 -0.42 -14.93
CA MET C 98 22.44 -1.82 -14.71
C MET C 98 23.91 -2.14 -14.79
N VAL C 99 24.28 -3.07 -13.89
CA VAL C 99 25.59 -3.69 -13.89
C VAL C 99 25.49 -5.14 -14.39
N PHE C 100 26.31 -5.47 -15.39
CA PHE C 100 26.45 -6.81 -15.83
C PHE C 100 27.65 -7.50 -15.21
N LEU C 101 27.40 -8.69 -14.70
CA LEU C 101 28.38 -9.51 -14.04
C LEU C 101 28.42 -10.90 -14.66
N GLN C 102 29.56 -11.58 -14.51
CA GLN C 102 29.71 -12.89 -15.12
C GLN C 102 29.33 -14.01 -14.12
N THR C 103 29.03 -13.67 -12.88
CA THR C 103 28.72 -14.70 -11.87
C THR C 103 27.62 -14.21 -10.96
N HIS C 104 26.75 -15.15 -10.65
CA HIS C 104 25.61 -14.87 -9.80
C HIS C 104 26.03 -14.52 -8.34
N ILE C 105 27.05 -15.20 -7.84
CA ILE C 105 27.48 -14.93 -6.45
C ILE C 105 28.11 -13.53 -6.26
N PHE C 106 28.82 -13.01 -7.24
CA PHE C 106 29.34 -11.65 -7.14
C PHE C 106 28.23 -10.60 -7.25
N ALA C 107 27.21 -10.88 -8.06
CA ALA C 107 26.01 -10.06 -8.06
C ALA C 107 25.37 -9.96 -6.68
N GLU C 108 25.25 -11.06 -5.96
CA GLU C 108 24.76 -11.05 -4.57
C GLU C 108 25.64 -10.17 -3.67
N VAL C 109 26.93 -10.44 -3.68
CA VAL C 109 27.88 -9.66 -2.89
C VAL C 109 27.91 -8.17 -3.29
N LEU C 110 27.85 -7.85 -4.59
CA LEU C 110 27.93 -6.44 -5.00
C LEU C 110 26.67 -5.71 -4.57
N LYS C 111 25.57 -6.42 -4.57
CA LYS C 111 24.31 -5.87 -4.11
C LYS C 111 24.37 -5.60 -2.60
N ASP C 112 25.06 -6.48 -1.89
CA ASP C 112 25.16 -6.37 -0.45
C ASP C 112 26.03 -5.20 -0.09
N ALA C 113 27.09 -5.03 -0.87
CA ALA C 113 28.03 -3.95 -0.69
C ALA C 113 27.40 -2.61 -1.01
N ILE C 114 26.64 -2.54 -2.09
CA ILE C 114 25.99 -1.29 -2.45
C ILE C 114 24.96 -0.87 -1.43
N LYS C 115 24.15 -1.82 -0.96
CA LYS C 115 23.14 -1.52 0.07
C LYS C 115 23.77 -1.12 1.38
N ASP C 116 24.83 -1.82 1.76
CA ASP C 116 25.52 -1.48 2.97
C ASP C 116 26.16 -0.11 2.88
N LEU C 117 26.66 0.27 1.72
CA LEU C 117 27.32 1.56 1.58
C LEU C 117 26.33 2.72 1.57
N VAL C 118 25.26 2.65 0.80
CA VAL C 118 24.39 3.81 0.76
C VAL C 118 23.69 4.00 2.11
N MET C 119 23.49 2.91 2.84
CA MET C 119 22.79 2.93 4.12
C MET C 119 23.34 4.02 5.02
N THR C 120 24.65 4.17 4.94
CA THR C 120 25.39 5.05 5.82
C THR C 120 25.44 6.48 5.34
N LYS C 121 24.82 6.75 4.20
CA LYS C 121 25.05 8.01 3.48
C LYS C 121 23.88 8.97 3.65
N PRO C 122 24.16 10.26 3.55
CA PRO C 122 23.07 11.23 3.51
C PRO C 122 22.07 10.95 2.41
N ALA C 123 20.88 11.50 2.58
CA ALA C 123 19.92 11.62 1.50
C ALA C 123 20.42 12.63 0.51
N PRO C 124 20.20 12.38 -0.79
CA PRO C 124 19.36 11.31 -1.34
C PRO C 124 20.07 9.97 -1.63
N THR C 125 21.41 9.91 -1.57
CA THR C 125 22.15 8.67 -1.80
C THR C 125 21.57 7.48 -1.04
N CYS C 126 21.23 7.64 0.24
CA CYS C 126 20.70 6.51 1.00
C CYS C 126 19.34 6.03 0.44
N ASN C 127 18.70 6.80 -0.43
CA ASN C 127 17.43 6.36 -1.00
C ASN C 127 17.54 5.47 -2.24
N ILE C 128 18.78 5.23 -2.70
CA ILE C 128 19.06 4.34 -3.82
C ILE C 128 18.75 2.90 -3.44
N ARG C 129 18.04 2.21 -4.32
CA ARG C 129 17.67 0.82 -4.10
C ARG C 129 18.42 -0.02 -5.07
N VAL C 130 18.48 -1.30 -4.77
CA VAL C 130 19.22 -2.18 -5.62
C VAL C 130 18.73 -3.60 -5.47
N THR C 131 18.59 -4.29 -6.61
CA THR C 131 18.27 -5.69 -6.59
C THR C 131 19.13 -6.50 -7.55
N VAL C 132 19.42 -7.74 -7.15
CA VAL C 132 20.11 -8.64 -8.02
C VAL C 132 19.16 -8.93 -9.13
N CYS C 133 19.70 -9.28 -10.25
CA CYS C 133 18.86 -9.81 -11.30
C CYS C 133 19.57 -10.97 -11.98
N SER C 134 18.78 -11.76 -12.69
CA SER C 134 19.28 -12.98 -13.29
C SER C 134 18.81 -13.00 -14.73
N PHE C 135 19.69 -13.31 -15.70
CA PHE C 135 19.34 -13.39 -17.13
C PHE C 135 19.27 -14.86 -17.48
N ASP C 136 18.13 -15.34 -17.99
CA ASP C 136 17.98 -16.77 -18.18
C ASP C 136 18.93 -17.33 -19.26
N ASP C 137 19.18 -16.54 -20.32
CA ASP C 137 19.94 -16.95 -21.51
C ASP C 137 21.16 -16.06 -21.70
N GLY C 138 21.51 -15.31 -20.66
CA GLY C 138 22.68 -14.46 -20.71
C GLY C 138 22.42 -13.23 -21.56
N VAL C 139 23.33 -12.27 -21.52
CA VAL C 139 23.25 -11.12 -22.43
C VAL C 139 24.57 -11.03 -23.16
N ASP C 140 24.41 -11.12 -24.46
CA ASP C 140 25.52 -11.14 -25.40
C ASP C 140 25.95 -9.72 -25.71
N LEU C 141 26.62 -9.07 -24.75
CA LEU C 141 27.14 -7.74 -24.95
C LEU C 141 28.21 -7.81 -26.04
N PRO C 142 28.29 -6.79 -26.90
CA PRO C 142 29.15 -6.95 -28.08
C PRO C 142 30.62 -7.01 -27.73
N PRO C 143 31.41 -7.70 -28.57
CA PRO C 143 32.86 -7.78 -28.32
C PRO C 143 33.55 -6.42 -28.55
N TRP C 144 34.59 -6.11 -27.78
CA TRP C 144 35.27 -4.82 -27.94
C TRP C 144 36.71 -4.94 -28.43
N PHE C 145 37.03 -4.12 -29.40
CA PHE C 145 38.36 -4.06 -29.90
C PHE C 145 38.65 -2.58 -30.02
N PRO C 146 39.87 -2.13 -29.67
CA PRO C 146 40.21 -0.70 -29.72
C PRO C 146 40.02 -0.10 -31.12
N PRO C 147 39.23 0.99 -31.23
CA PRO C 147 39.04 1.56 -32.56
C PRO C 147 40.37 1.99 -33.18
N MET C 148 40.39 2.27 -34.47
CA MET C 148 41.60 2.78 -35.12
C MET C 148 42.02 4.16 -34.56
N ASN D 10 4.45 4.79 -39.17
CA ASN D 10 3.77 4.85 -37.88
C ASN D 10 2.70 3.75 -37.68
N PRO D 11 2.09 3.25 -38.77
CA PRO D 11 1.36 1.96 -38.70
C PRO D 11 2.29 0.76 -38.52
N LYS D 12 3.59 1.03 -38.64
CA LYS D 12 4.66 0.08 -38.36
C LYS D 12 4.51 -0.47 -36.95
N PHE D 13 4.04 0.40 -36.05
CA PHE D 13 3.82 0.01 -34.68
C PHE D 13 2.67 -0.98 -34.60
N GLU D 14 1.58 -0.60 -35.23
CA GLU D 14 0.32 -1.31 -35.07
C GLU D 14 0.38 -2.75 -35.57
N ASN D 15 1.22 -3.00 -36.57
CA ASN D 15 1.28 -4.33 -37.17
C ASN D 15 2.17 -5.26 -36.32
N ILE D 16 3.16 -4.68 -35.66
CA ILE D 16 3.98 -5.46 -34.76
C ILE D 16 3.11 -5.75 -33.54
N ALA D 17 2.34 -4.75 -33.11
CA ALA D 17 1.36 -4.90 -32.02
C ALA D 17 0.52 -6.13 -32.23
N GLU D 18 -0.13 -6.19 -33.37
CA GLU D 18 -0.99 -7.32 -33.63
C GLU D 18 -0.14 -8.58 -33.73
N GLY D 19 1.09 -8.44 -34.24
CA GLY D 19 2.00 -9.55 -34.41
C GLY D 19 2.19 -10.26 -33.09
N LEU D 20 2.39 -9.47 -32.04
CA LEU D 20 2.63 -9.99 -30.71
C LEU D 20 1.34 -10.47 -30.06
N ARG D 21 0.28 -9.69 -30.18
CA ARG D 21 -1.00 -10.03 -29.53
C ARG D 21 -1.42 -11.48 -29.87
N ALA D 22 -1.20 -11.85 -31.13
CA ALA D 22 -1.56 -13.17 -31.64
C ALA D 22 -0.66 -14.27 -31.11
N LEU D 23 0.62 -13.97 -30.95
CA LEU D 23 1.55 -14.93 -30.37
C LEU D 23 1.26 -15.08 -28.87
N LEU D 24 1.12 -13.96 -28.17
CA LEU D 24 0.79 -14.01 -26.74
C LEU D 24 -0.47 -14.85 -26.51
N ALA D 25 -1.41 -14.77 -27.45
CA ALA D 25 -2.65 -15.50 -27.26
C ALA D 25 -2.46 -17.03 -27.30
N ARG D 26 -1.30 -17.52 -27.73
CA ARG D 26 -1.02 -18.96 -27.71
C ARG D 26 -1.05 -19.53 -26.30
N SER D 27 -0.89 -18.65 -25.32
CA SER D 27 -0.75 -19.05 -23.92
C SER D 27 -1.72 -18.24 -23.04
N HIS D 28 -2.50 -18.94 -22.22
CA HIS D 28 -3.30 -18.26 -21.24
C HIS D 28 -2.56 -18.30 -19.90
N VAL D 29 -2.00 -17.14 -19.56
CA VAL D 29 -1.32 -16.92 -18.28
C VAL D 29 -1.70 -15.56 -17.72
N GLU D 30 -1.54 -15.42 -16.42
CA GLU D 30 -1.84 -14.17 -15.77
C GLU D 30 -0.74 -13.18 -16.12
N ARG D 31 -1.13 -11.94 -16.42
CA ARG D 31 -0.17 -10.86 -16.61
C ARG D 31 0.07 -10.01 -15.35
N THR D 32 -0.78 -10.17 -14.34
CA THR D 32 -0.71 -9.36 -13.11
C THR D 32 -0.93 -10.21 -11.86
N THR D 33 -0.47 -9.73 -10.70
CA THR D 33 -0.73 -10.41 -9.42
C THR D 33 -1.37 -9.39 -8.51
N ASP D 34 -1.88 -9.83 -7.36
CA ASP D 34 -2.46 -8.87 -6.39
C ASP D 34 -1.35 -8.03 -5.78
N GLU D 35 -0.25 -8.68 -5.40
CA GLU D 35 0.93 -7.98 -4.87
C GLU D 35 1.31 -6.80 -5.75
N GLY D 36 1.15 -6.98 -7.07
CA GLY D 36 1.47 -5.95 -8.04
C GLY D 36 2.95 -5.64 -8.20
N THR D 37 3.80 -6.56 -7.76
CA THR D 37 5.23 -6.31 -7.66
C THR D 37 5.97 -6.67 -8.97
N TRP D 38 6.86 -5.78 -9.40
CA TRP D 38 7.60 -5.99 -10.64
C TRP D 38 8.80 -6.88 -10.42
N VAL D 39 8.58 -8.19 -10.61
CA VAL D 39 9.58 -9.20 -10.28
C VAL D 39 10.12 -9.92 -11.49
N ALA D 40 9.53 -9.69 -12.68
CA ALA D 40 9.97 -10.33 -13.93
C ALA D 40 10.30 -9.27 -14.94
N GLY D 41 11.06 -9.65 -15.96
CA GLY D 41 11.43 -8.73 -17.01
C GLY D 41 11.81 -9.48 -18.26
N VAL D 42 11.83 -8.74 -19.37
CA VAL D 42 12.31 -9.26 -20.64
C VAL D 42 13.31 -8.28 -21.11
N PHE D 43 14.49 -8.74 -21.45
CA PHE D 43 15.61 -7.85 -21.77
C PHE D 43 15.87 -7.93 -23.27
N VAL D 44 15.50 -6.87 -23.99
CA VAL D 44 15.59 -6.85 -25.44
C VAL D 44 16.63 -5.92 -26.03
N TYR D 45 17.46 -6.49 -26.91
CA TYR D 45 18.62 -5.79 -27.46
C TYR D 45 19.06 -6.27 -28.85
N GLY D 46 19.89 -5.46 -29.48
CA GLY D 46 20.47 -5.81 -30.76
C GLY D 46 19.62 -5.34 -31.90
N GLY D 47 19.93 -5.88 -33.08
CA GLY D 47 19.34 -5.44 -34.32
C GLY D 47 19.82 -4.05 -34.69
N SER D 48 18.89 -3.10 -34.72
CA SER D 48 19.21 -1.68 -34.90
C SER D 48 18.33 -0.82 -33.99
N LYS D 49 18.74 0.42 -33.79
CA LYS D 49 18.00 1.33 -32.93
C LYS D 49 16.56 1.49 -33.38
N THR D 50 16.38 1.54 -34.69
CA THR D 50 15.04 1.72 -35.23
C THR D 50 14.26 0.41 -35.09
N SER D 51 14.92 -0.74 -35.22
CA SER D 51 14.19 -2.00 -35.25
C SER D 51 13.65 -2.22 -33.85
N LEU D 52 14.52 -2.02 -32.87
CA LEU D 52 14.14 -2.00 -31.47
C LEU D 52 13.10 -0.97 -31.13
N TYR D 53 13.24 0.25 -31.66
CA TYR D 53 12.27 1.30 -31.37
C TYR D 53 10.83 0.90 -31.69
N ASN D 54 10.61 0.32 -32.86
CA ASN D 54 9.26 -0.03 -33.29
C ASN D 54 8.72 -1.22 -32.52
N LEU D 55 9.61 -2.17 -32.20
CA LEU D 55 9.25 -3.32 -31.40
C LEU D 55 8.84 -2.90 -29.99
N ARG D 56 9.52 -1.88 -29.48
CA ARG D 56 9.19 -1.29 -28.21
C ARG D 56 7.79 -0.71 -28.21
N ARG D 57 7.49 0.11 -29.22
CA ARG D 57 6.22 0.80 -29.33
C ARG D 57 5.14 -0.21 -29.58
N GLY D 58 5.47 -1.18 -30.42
CA GLY D 58 4.61 -2.33 -30.69
C GLY D 58 4.31 -3.09 -29.39
N THR D 59 5.34 -3.25 -28.56
CA THR D 59 5.20 -4.01 -27.30
C THR D 59 4.25 -3.32 -26.37
N ALA D 60 4.35 -2.00 -26.27
CA ALA D 60 3.48 -1.24 -25.35
C ALA D 60 2.03 -1.40 -25.72
N LEU D 61 1.80 -1.59 -27.01
CA LEU D 61 0.45 -1.57 -27.55
C LEU D 61 -0.21 -2.89 -27.31
N ALA D 62 0.60 -3.95 -27.41
CA ALA D 62 0.18 -5.33 -27.16
C ALA D 62 -0.06 -5.66 -25.69
N ILE D 63 0.63 -4.97 -24.78
CA ILE D 63 0.64 -5.38 -23.39
C ILE D 63 0.46 -4.18 -22.51
N PRO D 64 -0.79 -3.76 -22.30
CA PRO D 64 -0.94 -2.55 -21.48
C PRO D 64 -0.50 -2.75 -20.03
N GLN D 65 -0.33 -4.02 -19.62
CA GLN D 65 0.03 -4.34 -18.26
C GLN D 65 1.55 -4.25 -18.00
N CYS D 66 2.39 -4.11 -19.05
CA CYS D 66 3.86 -4.06 -18.84
C CYS D 66 4.30 -2.62 -18.63
N ARG D 67 5.59 -2.43 -18.36
CA ARG D 67 6.20 -1.09 -18.30
C ARG D 67 7.52 -1.13 -19.05
N LEU D 68 7.84 -0.07 -19.78
CA LEU D 68 9.04 -0.08 -20.62
C LEU D 68 10.02 0.96 -20.22
N THR D 69 11.30 0.61 -20.18
CA THR D 69 12.33 1.61 -20.06
C THR D 69 12.40 2.28 -21.42
N PRO D 70 13.07 3.41 -21.51
CA PRO D 70 13.32 3.89 -22.86
C PRO D 70 14.38 3.07 -23.52
N LEU D 71 14.64 3.29 -24.80
CA LEU D 71 15.89 2.84 -25.40
C LEU D 71 17.18 3.43 -24.78
N SER D 72 18.21 2.61 -24.68
CA SER D 72 19.50 3.06 -24.23
C SER D 72 20.54 2.16 -24.88
N ARG D 73 21.82 2.29 -24.53
CA ARG D 73 22.83 1.49 -25.20
C ARG D 73 23.57 0.60 -24.21
N LEU D 74 24.15 -0.46 -24.76
CA LEU D 74 24.81 -1.48 -23.98
C LEU D 74 26.26 -1.20 -23.90
N PRO D 75 26.90 -1.57 -22.78
CA PRO D 75 28.36 -1.58 -22.71
C PRO D 75 28.89 -2.76 -23.48
N PHE D 76 30.19 -2.83 -23.64
CA PHE D 76 30.81 -3.90 -24.36
C PHE D 76 31.03 -5.03 -23.38
N GLY D 77 31.34 -6.19 -23.93
CA GLY D 77 31.57 -7.42 -23.19
C GLY D 77 33.05 -7.69 -23.01
N MET D 78 33.53 -8.79 -23.60
CA MET D 78 34.91 -9.23 -23.47
C MET D 78 35.74 -8.90 -24.72
N ALA D 79 37.01 -8.58 -24.51
CA ALA D 79 37.89 -8.42 -25.63
C ALA D 79 38.06 -9.77 -26.34
N PRO D 80 38.26 -9.76 -27.65
CA PRO D 80 38.74 -11.01 -28.24
C PRO D 80 40.22 -11.20 -27.95
N GLY D 81 40.53 -12.29 -27.27
CA GLY D 81 41.90 -12.72 -27.15
C GLY D 81 42.61 -11.99 -26.05
N PRO D 82 43.94 -11.83 -26.18
CA PRO D 82 44.77 -11.34 -25.09
C PRO D 82 44.45 -9.90 -24.74
N GLY D 83 44.24 -9.10 -25.78
CA GLY D 83 44.12 -7.65 -25.74
C GLY D 83 43.42 -7.05 -24.54
N PRO D 84 43.54 -5.74 -24.39
CA PRO D 84 43.00 -5.04 -23.21
C PRO D 84 41.47 -5.14 -23.17
N GLN D 85 40.90 -5.18 -21.98
CA GLN D 85 39.43 -5.25 -21.85
C GLN D 85 38.80 -3.90 -22.02
N PRO D 86 37.52 -3.86 -22.37
CA PRO D 86 36.93 -2.52 -22.28
C PRO D 86 36.64 -2.06 -20.80
N GLY D 87 36.76 -0.75 -20.55
CA GLY D 87 36.32 -0.22 -19.27
C GLY D 87 34.85 -0.47 -19.01
N PRO D 88 34.43 -0.58 -17.74
CA PRO D 88 33.01 -0.85 -17.45
C PRO D 88 32.05 0.21 -17.99
N LEU D 89 32.60 1.37 -18.31
CA LEU D 89 31.81 2.49 -18.83
C LEU D 89 31.60 2.48 -20.36
N ARG D 90 32.57 2.00 -21.13
CA ARG D 90 32.52 2.15 -22.59
C ARG D 90 31.17 1.65 -23.14
N GLU D 91 30.54 2.47 -23.97
CA GLU D 91 29.24 2.18 -24.54
C GLU D 91 29.42 1.75 -25.98
N SER D 92 28.64 0.75 -26.39
CA SER D 92 28.57 0.28 -27.77
C SER D 92 27.45 1.01 -28.49
N ILE D 93 27.28 0.74 -29.77
CA ILE D 93 26.16 1.37 -30.49
C ILE D 93 24.94 0.48 -30.46
N VAL D 94 25.09 -0.68 -29.81
CA VAL D 94 24.02 -1.67 -29.72
C VAL D 94 23.02 -1.20 -28.66
N CYS D 95 21.73 -1.23 -28.98
CA CYS D 95 20.76 -0.62 -28.10
C CYS D 95 20.01 -1.73 -27.41
N TYR D 96 19.23 -1.36 -26.40
CA TYR D 96 18.44 -2.32 -25.66
C TYR D 96 17.20 -1.65 -25.05
N PHE D 97 16.26 -2.44 -24.59
CA PHE D 97 15.30 -1.90 -23.65
C PHE D 97 14.76 -2.99 -22.78
N MET D 98 14.22 -2.60 -21.62
CA MET D 98 13.70 -3.56 -20.65
C MET D 98 12.19 -3.49 -20.51
N VAL D 99 11.60 -4.66 -20.29
CA VAL D 99 10.15 -4.80 -20.11
C VAL D 99 9.96 -5.28 -18.71
N PHE D 100 9.34 -4.47 -17.84
CA PHE D 100 8.92 -4.93 -16.52
C PHE D 100 7.59 -5.60 -16.57
N LEU D 101 7.49 -6.73 -15.89
CA LEU D 101 6.26 -7.53 -15.80
C LEU D 101 6.07 -7.97 -14.37
N GLN D 102 4.84 -8.33 -14.02
CA GLN D 102 4.55 -8.78 -12.66
C GLN D 102 4.68 -10.26 -12.45
N THR D 103 4.63 -11.05 -13.51
CA THR D 103 4.79 -12.48 -13.35
C THR D 103 5.93 -13.02 -14.19
N HIS D 104 6.62 -14.01 -13.63
CA HIS D 104 7.65 -14.71 -14.39
C HIS D 104 7.10 -15.45 -15.59
N ILE D 105 5.91 -16.03 -15.44
CA ILE D 105 5.40 -16.91 -16.49
C ILE D 105 5.05 -16.11 -17.71
N PHE D 106 4.42 -14.95 -17.54
CA PHE D 106 4.16 -14.05 -18.67
C PHE D 106 5.45 -13.62 -19.32
N ALA D 107 6.50 -13.38 -18.53
CA ALA D 107 7.75 -12.93 -19.12
C ALA D 107 8.21 -13.95 -20.15
N GLU D 108 8.13 -15.23 -19.80
CA GLU D 108 8.54 -16.29 -20.71
C GLU D 108 7.71 -16.25 -21.97
N VAL D 109 6.42 -16.15 -21.79
CA VAL D 109 5.52 -16.07 -22.91
C VAL D 109 5.92 -14.93 -23.85
N LEU D 110 6.17 -13.75 -23.28
CA LEU D 110 6.53 -12.59 -24.11
C LEU D 110 7.89 -12.78 -24.80
N LYS D 111 8.80 -13.53 -24.16
CA LYS D 111 10.12 -13.82 -24.73
C LYS D 111 10.04 -14.70 -25.96
N ASP D 112 9.24 -15.74 -25.85
CA ASP D 112 8.93 -16.57 -27.00
C ASP D 112 8.18 -15.77 -28.06
N ALA D 113 7.17 -15.00 -27.67
CA ALA D 113 6.49 -14.23 -28.68
C ALA D 113 7.47 -13.32 -29.42
N ILE D 114 8.35 -12.58 -28.71
CA ILE D 114 9.22 -11.65 -29.40
C ILE D 114 10.16 -12.49 -30.31
N LYS D 115 10.70 -13.59 -29.79
CA LYS D 115 11.64 -14.39 -30.57
C LYS D 115 10.97 -14.90 -31.83
N ASP D 116 9.80 -15.51 -31.65
CA ASP D 116 8.98 -16.03 -32.74
C ASP D 116 8.59 -14.94 -33.74
N LEU D 117 8.33 -13.74 -33.26
CA LEU D 117 7.96 -12.67 -34.17
C LEU D 117 9.13 -12.13 -34.97
N VAL D 118 10.29 -11.93 -34.35
CA VAL D 118 11.38 -11.32 -35.14
C VAL D 118 12.06 -12.36 -36.02
N MET D 119 11.95 -13.65 -35.72
CA MET D 119 12.72 -14.66 -36.50
C MET D 119 12.21 -14.78 -37.91
N THR D 120 11.03 -14.20 -38.14
CA THR D 120 10.35 -14.23 -39.43
C THR D 120 10.61 -13.00 -40.27
N LYS D 121 11.35 -12.02 -39.73
CA LYS D 121 11.55 -10.72 -40.40
C LYS D 121 12.94 -10.65 -41.00
N PRO D 122 13.17 -9.64 -41.85
CA PRO D 122 14.50 -9.48 -42.43
C PRO D 122 15.46 -8.79 -41.47
N ALA D 123 16.74 -8.79 -41.77
CA ALA D 123 17.68 -8.06 -40.95
C ALA D 123 17.34 -6.60 -41.12
N PRO D 124 17.62 -5.81 -40.10
CA PRO D 124 18.25 -6.17 -38.83
C PRO D 124 17.29 -6.67 -37.73
N THR D 125 16.00 -6.53 -37.95
CA THR D 125 14.97 -7.01 -37.00
C THR D 125 15.23 -8.48 -36.56
N CYS D 126 15.59 -9.38 -37.47
CA CYS D 126 15.80 -10.77 -37.05
C CYS D 126 17.02 -10.98 -36.16
N ASN D 127 17.85 -9.95 -36.05
CA ASN D 127 19.02 -9.96 -35.19
C ASN D 127 18.74 -9.52 -33.76
N ILE D 128 17.50 -9.07 -33.51
CA ILE D 128 17.11 -8.65 -32.19
C ILE D 128 17.14 -9.88 -31.29
N ARG D 129 17.73 -9.69 -30.10
CA ARG D 129 17.87 -10.75 -29.12
C ARG D 129 17.03 -10.45 -27.90
N VAL D 130 16.69 -11.49 -27.15
CA VAL D 130 15.82 -11.33 -25.98
C VAL D 130 16.10 -12.41 -24.94
N THR D 131 16.22 -12.02 -23.69
CA THR D 131 16.16 -13.00 -22.62
C THR D 131 15.27 -12.57 -21.48
N VAL D 132 14.64 -13.55 -20.85
CA VAL D 132 13.92 -13.32 -19.60
C VAL D 132 14.92 -12.94 -18.57
N CYS D 133 14.55 -12.01 -17.69
CA CYS D 133 15.31 -11.76 -16.48
C CYS D 133 14.43 -11.78 -15.25
N SER D 134 15.04 -12.02 -14.10
CA SER D 134 14.31 -12.00 -12.83
C SER D 134 14.99 -11.11 -11.84
N PHE D 135 14.18 -10.49 -10.98
CA PHE D 135 14.65 -9.52 -10.01
C PHE D 135 14.45 -10.06 -8.63
N ASP D 136 15.53 -10.51 -7.98
CA ASP D 136 15.49 -11.18 -6.65
C ASP D 136 14.47 -10.47 -5.73
N ASP D 137 14.57 -9.16 -5.67
CA ASP D 137 13.76 -8.36 -4.76
C ASP D 137 12.69 -7.50 -5.43
N GLY D 138 12.39 -7.70 -6.70
CA GLY D 138 11.41 -6.82 -7.30
C GLY D 138 12.05 -5.48 -7.64
N VAL D 139 11.36 -4.69 -8.46
CA VAL D 139 11.85 -3.37 -8.84
C VAL D 139 10.74 -2.42 -8.43
N ASP D 140 11.06 -1.51 -7.51
CA ASP D 140 10.03 -0.65 -6.95
C ASP D 140 9.85 0.55 -7.86
N LEU D 141 9.14 0.34 -8.98
CA LEU D 141 8.80 1.38 -9.91
C LEU D 141 7.99 2.43 -9.17
N PRO D 142 8.21 3.72 -9.49
CA PRO D 142 7.45 4.83 -8.86
C PRO D 142 5.95 4.84 -9.15
N PRO D 143 5.11 4.75 -8.11
CA PRO D 143 3.67 4.77 -8.40
C PRO D 143 3.26 6.05 -9.06
N TRP D 144 2.09 5.98 -9.65
CA TRP D 144 1.57 7.01 -10.52
C TRP D 144 0.31 7.52 -9.89
N PHE D 145 0.30 8.82 -9.64
CA PHE D 145 -0.88 9.53 -9.20
C PHE D 145 -1.26 10.59 -10.25
N PRO D 146 -2.38 10.38 -10.98
CA PRO D 146 -2.75 11.35 -12.03
C PRO D 146 -3.60 12.53 -11.53
N LYS E 12 27.07 22.82 16.63
CA LYS E 12 26.96 21.74 17.60
C LYS E 12 26.03 20.69 17.06
N PHE E 13 25.23 21.03 16.04
CA PHE E 13 24.41 20.00 15.43
C PHE E 13 25.37 19.04 14.76
N GLU E 14 26.30 19.56 13.95
CA GLU E 14 27.12 18.72 13.08
C GLU E 14 28.25 17.91 13.76
N ASN E 15 28.54 18.18 15.03
CA ASN E 15 29.49 17.39 15.83
C ASN E 15 28.81 16.17 16.45
N ILE E 16 27.61 16.39 16.95
CA ILE E 16 26.71 15.33 17.43
C ILE E 16 26.32 14.33 16.33
N ALA E 17 25.86 14.83 15.17
CA ALA E 17 25.58 13.96 14.02
C ALA E 17 26.70 12.95 13.80
N GLU E 18 27.93 13.42 13.80
CA GLU E 18 29.04 12.56 13.51
C GLU E 18 29.40 11.75 14.72
N GLY E 19 29.24 12.35 15.91
CA GLY E 19 29.38 11.60 17.15
C GLY E 19 28.55 10.36 17.04
N LEU E 20 27.40 10.48 16.39
CA LEU E 20 26.48 9.34 16.41
C LEU E 20 26.82 8.37 15.29
N ARG E 21 27.18 8.89 14.13
CA ARG E 21 27.45 8.02 12.98
C ARG E 21 28.62 7.08 13.24
N ALA E 22 29.58 7.57 14.01
CA ALA E 22 30.77 6.83 14.38
C ALA E 22 30.44 5.65 15.29
N LEU E 23 29.60 5.89 16.28
CA LEU E 23 29.03 4.80 17.07
C LEU E 23 28.08 3.86 16.29
N LEU E 24 27.28 4.41 15.40
CA LEU E 24 26.35 3.58 14.64
C LEU E 24 27.14 2.65 13.74
N ALA E 25 28.30 3.14 13.31
CA ALA E 25 29.16 2.38 12.44
C ALA E 25 29.72 1.10 13.10
N ARG E 26 29.60 0.97 14.42
CA ARG E 26 30.05 -0.26 15.08
C ARG E 26 29.14 -1.43 14.74
N SER E 27 27.95 -1.11 14.25
CA SER E 27 26.94 -2.15 14.07
C SER E 27 26.44 -2.20 12.62
N HIS E 28 26.26 -3.44 12.18
CA HIS E 28 25.74 -3.76 10.85
C HIS E 28 24.38 -4.38 11.12
N VAL E 29 23.37 -3.50 11.15
CA VAL E 29 22.00 -3.90 11.31
C VAL E 29 21.13 -3.15 10.34
N GLU E 30 20.09 -3.82 9.87
CA GLU E 30 19.15 -3.21 8.95
C GLU E 30 18.43 -2.04 9.63
N ARG E 31 18.24 -0.96 8.88
CA ARG E 31 17.52 0.22 9.36
C ARG E 31 16.10 0.26 8.84
N THR E 32 15.84 -0.45 7.76
CA THR E 32 14.53 -0.42 7.13
C THR E 32 14.03 -1.82 6.77
N THR E 33 12.71 -1.95 6.60
CA THR E 33 12.10 -3.20 6.15
C THR E 33 11.39 -2.95 4.81
N ASP E 34 10.91 -4.03 4.18
CA ASP E 34 10.06 -3.87 3.02
C ASP E 34 8.66 -3.38 3.43
N GLU E 35 8.13 -3.88 4.54
CA GLU E 35 6.84 -3.37 5.07
C GLU E 35 6.86 -1.83 5.27
N GLY E 36 7.97 -1.28 5.75
CA GLY E 36 8.05 0.15 6.00
C GLY E 36 7.34 0.58 7.28
N THR E 37 6.87 -0.40 8.05
CA THR E 37 6.10 -0.11 9.24
C THR E 37 7.01 0.40 10.36
N TRP E 38 6.46 1.27 11.19
CA TRP E 38 7.16 1.86 12.31
C TRP E 38 6.78 1.15 13.56
N VAL E 39 7.61 0.17 13.89
CA VAL E 39 7.33 -0.82 14.91
C VAL E 39 8.16 -0.54 16.16
N ALA E 40 9.18 0.31 16.05
CA ALA E 40 10.02 0.57 17.20
C ALA E 40 10.26 2.05 17.35
N GLY E 41 10.77 2.42 18.51
CA GLY E 41 11.17 3.79 18.75
C GLY E 41 12.28 3.81 19.77
N VAL E 42 12.87 4.99 19.89
CA VAL E 42 13.80 5.31 21.01
C VAL E 42 13.21 6.51 21.69
N PHE E 43 12.98 6.38 23.00
CA PHE E 43 12.34 7.43 23.78
C PHE E 43 13.40 8.22 24.55
N VAL E 44 13.65 9.45 24.12
CA VAL E 44 14.78 10.23 24.61
C VAL E 44 14.32 11.43 25.38
N TYR E 45 14.84 11.53 26.59
CA TYR E 45 14.42 12.59 27.56
C TYR E 45 15.46 13.01 28.62
N GLY E 46 15.14 14.08 29.32
CA GLY E 46 15.96 14.58 30.40
C GLY E 46 17.04 15.50 29.88
N GLY E 47 18.05 15.76 30.70
CA GLY E 47 19.08 16.73 30.40
C GLY E 47 18.58 18.16 30.61
N SER E 48 18.54 18.92 29.53
CA SER E 48 17.84 20.22 29.48
C SER E 48 17.17 20.33 28.10
N LYS E 49 16.43 21.40 27.85
CA LYS E 49 15.71 21.52 26.61
C LYS E 49 16.64 21.69 25.45
N THR E 50 17.66 22.52 25.66
CA THR E 50 18.63 22.79 24.60
C THR E 50 19.49 21.55 24.37
N SER E 51 19.80 20.79 25.41
CA SER E 51 20.71 19.68 25.19
C SER E 51 19.97 18.63 24.40
N LEU E 52 18.68 18.41 24.70
CA LEU E 52 17.84 17.51 23.88
C LEU E 52 17.56 18.04 22.48
N TYR E 53 17.43 19.36 22.36
CA TYR E 53 17.21 19.94 21.05
C TYR E 53 18.42 19.71 20.09
N ASN E 54 19.65 19.89 20.55
CA ASN E 54 20.79 19.72 19.67
C ASN E 54 20.91 18.27 19.29
N LEU E 55 20.60 17.38 20.23
CA LEU E 55 20.73 15.94 20.00
C LEU E 55 19.67 15.45 19.04
N ARG E 56 18.49 16.05 19.11
CA ARG E 56 17.44 15.80 18.14
C ARG E 56 17.85 16.17 16.73
N ARG E 57 18.40 17.37 16.59
CA ARG E 57 18.77 17.91 15.29
C ARG E 57 19.88 17.03 14.79
N GLY E 58 20.80 16.73 15.69
CA GLY E 58 21.86 15.78 15.43
C GLY E 58 21.39 14.38 15.00
N THR E 59 20.38 13.82 15.66
CA THR E 59 19.97 12.46 15.31
C THR E 59 19.48 12.48 13.85
N ALA E 60 18.74 13.50 13.49
CA ALA E 60 18.18 13.59 12.15
C ALA E 60 19.25 13.56 11.06
N LEU E 61 20.36 14.26 11.29
CA LEU E 61 21.45 14.35 10.32
C LEU E 61 22.15 13.02 10.24
N ALA E 62 22.24 12.35 11.38
CA ALA E 62 22.88 11.07 11.40
C ALA E 62 22.04 9.96 10.75
N ILE E 63 20.71 10.05 10.85
CA ILE E 63 19.90 8.92 10.46
C ILE E 63 18.70 9.33 9.62
N PRO E 64 18.88 9.39 8.28
CA PRO E 64 17.79 9.74 7.37
C PRO E 64 16.61 8.77 7.36
N GLN E 65 16.80 7.56 7.86
CA GLN E 65 15.78 6.52 7.82
C GLN E 65 14.79 6.65 9.00
N CYS E 66 15.12 7.42 10.03
CA CYS E 66 14.24 7.61 11.20
C CYS E 66 13.30 8.78 10.99
N ARG E 67 12.39 8.97 11.95
CA ARG E 67 11.43 10.08 11.95
C ARG E 67 11.35 10.55 13.40
N LEU E 68 11.21 11.84 13.59
CA LEU E 68 11.35 12.44 14.93
C LEU E 68 10.13 13.18 15.27
N THR E 69 9.68 13.07 16.52
CA THR E 69 8.68 13.98 17.05
C THR E 69 9.38 15.33 17.30
N PRO E 70 8.61 16.40 17.38
CA PRO E 70 9.22 17.62 17.90
C PRO E 70 9.50 17.39 19.32
N LEU E 71 10.29 18.26 19.93
CA LEU E 71 10.32 18.36 21.39
C LEU E 71 8.96 18.63 22.06
N SER E 72 8.69 17.92 23.14
CA SER E 72 7.56 18.23 24.03
C SER E 72 7.96 17.95 25.51
N ARG E 73 7.00 18.07 26.41
CA ARG E 73 7.24 18.00 27.85
C ARG E 73 6.64 16.74 28.43
N LEU E 74 7.31 16.25 29.47
CA LEU E 74 6.86 15.07 30.15
C LEU E 74 6.05 15.43 31.37
N PRO E 75 5.05 14.59 31.71
CA PRO E 75 4.29 14.71 32.93
C PRO E 75 5.08 14.17 34.10
N PHE E 76 4.57 14.40 35.29
CA PHE E 76 5.21 13.92 36.47
C PHE E 76 4.90 12.46 36.70
N GLY E 77 5.70 11.87 37.56
CA GLY E 77 5.55 10.48 37.97
C GLY E 77 4.81 10.45 39.29
N MET E 78 5.45 9.83 40.29
CA MET E 78 4.82 9.66 41.60
C MET E 78 5.20 10.78 42.57
N ALA E 79 4.37 11.00 43.55
CA ALA E 79 4.76 11.90 44.61
C ALA E 79 5.95 11.33 45.41
N PRO E 80 6.90 12.18 45.80
CA PRO E 80 8.02 11.72 46.63
C PRO E 80 7.60 11.06 47.94
N GLY E 81 6.39 11.30 48.44
CA GLY E 81 5.90 10.57 49.59
C GLY E 81 4.41 10.22 49.60
N PRO E 82 3.65 10.75 50.59
CA PRO E 82 2.22 10.53 50.90
C PRO E 82 1.12 10.39 49.81
N GLY E 83 0.73 11.36 48.96
CA GLY E 83 1.51 12.50 48.55
C GLY E 83 1.06 13.91 48.94
N PRO E 84 0.09 14.51 48.22
CA PRO E 84 -0.80 14.14 47.10
C PRO E 84 -0.10 13.77 45.79
N GLN E 85 -0.81 13.02 44.96
CA GLN E 85 -0.32 12.57 43.68
C GLN E 85 -0.59 13.60 42.57
N PRO E 86 0.33 13.74 41.61
CA PRO E 86 0.02 14.71 40.54
C PRO E 86 -1.16 14.28 39.62
N GLY E 87 -1.95 15.23 39.14
CA GLY E 87 -2.96 14.89 38.12
C GLY E 87 -2.30 14.29 36.89
N PRO E 88 -3.04 13.49 36.12
CA PRO E 88 -2.45 12.90 34.90
C PRO E 88 -1.95 13.95 33.89
N LEU E 89 -2.52 15.15 33.98
CA LEU E 89 -2.31 16.23 33.04
C LEU E 89 -1.14 17.18 33.37
N ARG E 90 -0.69 17.22 34.61
CA ARG E 90 0.30 18.22 35.01
C ARG E 90 1.59 17.91 34.31
N GLU E 91 2.22 18.96 33.81
CA GLU E 91 3.39 18.86 32.91
C GLU E 91 4.60 19.36 33.63
N SER E 92 5.74 18.69 33.45
CA SER E 92 6.99 19.09 34.09
C SER E 92 7.70 19.93 33.11
N ILE E 93 8.84 20.46 33.53
CA ILE E 93 9.76 21.17 32.63
C ILE E 93 10.78 20.22 31.99
N VAL E 94 10.72 18.94 32.34
CA VAL E 94 11.54 17.94 31.67
C VAL E 94 11.07 17.65 30.22
N CYS E 95 12.00 17.59 29.28
CA CYS E 95 11.63 17.41 27.88
C CYS E 95 11.93 16.00 27.35
N TYR E 96 11.32 15.72 26.19
CA TYR E 96 11.48 14.45 25.50
C TYR E 96 11.29 14.57 24.02
N PHE E 97 11.84 13.62 23.28
CA PHE E 97 11.34 13.37 21.95
C PHE E 97 11.41 11.93 21.62
N MET E 98 10.60 11.55 20.63
CA MET E 98 10.54 10.20 20.12
C MET E 98 11.19 10.04 18.75
N VAL E 99 11.92 8.94 18.57
CA VAL E 99 12.44 8.52 17.27
C VAL E 99 11.69 7.32 16.82
N PHE E 100 11.02 7.36 15.68
CA PHE E 100 10.45 6.15 15.08
C PHE E 100 11.41 5.50 14.11
N LEU E 101 11.40 4.16 14.17
CA LEU E 101 12.30 3.26 13.43
C LEU E 101 11.52 2.07 12.91
N GLN E 102 11.91 1.55 11.76
CA GLN E 102 11.26 0.37 11.19
C GLN E 102 11.77 -0.97 11.72
N THR E 103 12.78 -0.99 12.59
CA THR E 103 13.22 -2.28 13.13
C THR E 103 13.63 -2.18 14.60
N HIS E 104 13.28 -3.19 15.37
CA HIS E 104 13.69 -3.24 16.75
C HIS E 104 15.19 -3.19 16.89
N ILE E 105 15.91 -3.94 16.05
CA ILE E 105 17.35 -4.11 16.25
C ILE E 105 18.07 -2.80 16.09
N PHE E 106 17.68 -2.00 15.09
CA PHE E 106 18.26 -0.67 14.94
C PHE E 106 17.97 0.18 16.17
N ALA E 107 16.77 0.05 16.74
CA ALA E 107 16.40 0.89 17.88
C ALA E 107 17.38 0.60 19.01
N GLU E 108 17.70 -0.67 19.21
CA GLU E 108 18.63 -1.04 20.26
C GLU E 108 19.97 -0.40 20.01
N VAL E 109 20.42 -0.46 18.75
CA VAL E 109 21.68 0.13 18.33
C VAL E 109 21.72 1.63 18.46
N LEU E 110 20.61 2.29 18.15
CA LEU E 110 20.56 3.75 18.33
C LEU E 110 20.50 4.13 19.78
N LYS E 111 19.77 3.35 20.59
CA LYS E 111 19.75 3.58 22.04
C LYS E 111 21.19 3.55 22.59
N ASP E 112 21.93 2.50 22.27
CA ASP E 112 23.29 2.39 22.76
C ASP E 112 24.14 3.53 22.25
N ALA E 113 24.01 3.86 20.98
CA ALA E 113 24.78 4.94 20.42
C ALA E 113 24.52 6.22 21.20
N ILE E 114 23.25 6.52 21.44
CA ILE E 114 22.95 7.75 22.18
C ILE E 114 23.47 7.67 23.62
N LYS E 115 23.26 6.54 24.29
CA LYS E 115 23.76 6.43 25.68
C LYS E 115 25.26 6.54 25.69
N ASP E 116 25.92 5.91 24.72
CA ASP E 116 27.37 5.93 24.66
C ASP E 116 27.89 7.32 24.36
N LEU E 117 27.24 8.04 23.47
CA LEU E 117 27.69 9.38 23.13
C LEU E 117 27.50 10.35 24.32
N VAL E 118 26.33 10.41 24.93
CA VAL E 118 26.07 11.43 25.96
C VAL E 118 26.91 11.26 27.24
N MET E 119 27.33 10.03 27.54
CA MET E 119 28.04 9.78 28.77
C MET E 119 29.48 10.31 28.71
N THR E 120 29.89 10.69 27.49
CA THR E 120 31.18 11.35 27.28
C THR E 120 31.08 12.90 27.25
N LYS E 121 29.87 13.45 27.43
CA LYS E 121 29.70 14.90 27.45
C LYS E 121 29.51 15.47 28.86
N PRO E 122 29.69 16.79 29.00
CA PRO E 122 29.43 17.50 30.26
C PRO E 122 27.94 17.59 30.52
N ALA E 123 27.54 17.95 31.73
CA ALA E 123 26.13 18.21 32.02
C ALA E 123 25.72 19.48 31.31
N PRO E 124 24.44 19.60 30.95
CA PRO E 124 23.33 18.67 31.18
C PRO E 124 23.21 17.53 30.17
N THR E 125 24.02 17.53 29.13
CA THR E 125 23.93 16.48 28.12
C THR E 125 24.12 15.06 28.68
N CYS E 126 24.98 14.85 29.67
CA CYS E 126 25.20 13.48 30.19
C CYS E 126 24.03 12.95 31.04
N ASN E 127 23.13 13.84 31.40
CA ASN E 127 21.93 13.44 32.14
C ASN E 127 20.73 13.05 31.28
N ILE E 128 20.94 13.01 29.97
CA ILE E 128 19.91 12.58 29.06
C ILE E 128 19.73 11.06 29.19
N ARG E 129 18.47 10.64 29.08
CA ARG E 129 18.10 9.27 29.28
C ARG E 129 17.46 8.86 27.98
N VAL E 130 17.53 7.57 27.71
CA VAL E 130 16.91 7.00 26.54
C VAL E 130 16.51 5.57 26.84
N THR E 131 15.34 5.18 26.39
CA THR E 131 15.03 3.77 26.33
C THR E 131 14.39 3.39 25.00
N VAL E 132 14.56 2.12 24.63
CA VAL E 132 13.87 1.57 23.48
C VAL E 132 12.40 1.44 23.86
N CYS E 133 11.52 1.71 22.90
CA CYS E 133 10.09 1.40 23.02
C CYS E 133 9.61 0.67 21.79
N SER E 134 8.70 -0.25 22.03
CA SER E 134 8.16 -1.10 21.00
C SER E 134 6.67 -0.86 20.99
N PHE E 135 6.15 -0.64 19.79
CA PHE E 135 4.73 -0.46 19.55
C PHE E 135 4.07 -1.74 19.06
N ASP E 136 3.33 -2.43 19.92
CA ASP E 136 2.66 -3.71 19.63
C ASP E 136 2.09 -3.78 18.20
N ASP E 137 1.48 -2.69 17.75
CA ASP E 137 0.71 -2.67 16.51
C ASP E 137 1.29 -1.74 15.49
N GLY E 138 2.43 -1.14 15.79
CA GLY E 138 2.97 -0.17 14.87
C GLY E 138 2.33 1.19 15.08
N VAL E 139 2.90 2.19 14.42
CA VAL E 139 2.38 3.55 14.45
C VAL E 139 2.25 3.97 13.00
N ASP E 140 1.05 4.28 12.58
CA ASP E 140 0.85 4.52 11.16
C ASP E 140 1.09 6.00 10.94
N LEU E 141 2.36 6.36 10.78
CA LEU E 141 2.76 7.73 10.47
C LEU E 141 2.15 8.08 9.15
N PRO E 142 1.73 9.33 8.97
CA PRO E 142 1.10 9.63 7.68
C PRO E 142 2.06 9.57 6.48
N PRO E 143 1.60 9.04 5.34
CA PRO E 143 2.45 8.98 4.15
C PRO E 143 2.72 10.36 3.56
N TRP E 144 3.90 10.50 2.95
CA TRP E 144 4.36 11.76 2.35
C TRP E 144 4.29 11.66 0.84
N PHE E 145 3.59 12.58 0.21
CA PHE E 145 3.57 12.62 -1.25
C PHE E 145 4.41 13.79 -1.82
N PRO E 146 4.17 15.04 -1.35
CA PRO E 146 3.49 15.52 -0.13
C PRO E 146 1.97 15.51 -0.12
N SER F 9 -18.81 19.12 34.51
CA SER F 9 -18.27 20.47 34.40
C SER F 9 -17.98 20.80 32.95
N ASN F 10 -17.27 19.87 32.29
CA ASN F 10 -16.95 19.96 30.88
C ASN F 10 -17.53 18.76 30.16
N PRO F 11 -18.83 18.81 29.82
CA PRO F 11 -19.59 17.67 29.31
C PRO F 11 -18.83 16.79 28.32
N LYS F 12 -18.33 17.38 27.26
CA LYS F 12 -17.55 16.64 26.26
C LYS F 12 -16.41 15.81 26.91
N PHE F 13 -15.83 16.31 27.98
CA PHE F 13 -14.81 15.56 28.71
C PHE F 13 -15.41 14.47 29.62
N GLU F 14 -16.48 14.81 30.32
CA GLU F 14 -17.01 13.89 31.32
C GLU F 14 -17.75 12.77 30.59
N ASN F 15 -18.32 13.10 29.43
CA ASN F 15 -18.94 12.10 28.61
C ASN F 15 -17.93 11.07 28.20
N ILE F 16 -16.82 11.54 27.64
CA ILE F 16 -15.75 10.67 27.29
C ILE F 16 -15.23 9.88 28.51
N ALA F 17 -15.17 10.50 29.67
CA ALA F 17 -14.61 9.79 30.81
C ALA F 17 -15.51 8.66 31.23
N GLU F 18 -16.82 8.88 31.15
CA GLU F 18 -17.80 7.89 31.50
C GLU F 18 -17.75 6.76 30.53
N GLY F 19 -17.37 7.08 29.30
CA GLY F 19 -17.28 6.06 28.30
C GLY F 19 -16.17 5.08 28.62
N LEU F 20 -15.00 5.63 28.88
CA LEU F 20 -13.85 4.84 29.22
C LEU F 20 -14.08 4.02 30.47
N ARG F 21 -14.66 4.65 31.47
CA ARG F 21 -14.92 3.95 32.74
C ARG F 21 -15.80 2.77 32.56
N ALA F 22 -16.82 2.92 31.75
CA ALA F 22 -17.72 1.82 31.49
C ALA F 22 -16.97 0.66 30.88
N LEU F 23 -16.03 0.98 30.02
CA LEU F 23 -15.34 -0.04 29.30
C LEU F 23 -14.25 -0.62 30.14
N LEU F 24 -13.61 0.19 30.96
CA LEU F 24 -12.48 -0.34 31.71
C LEU F 24 -13.00 -1.32 32.74
N ALA F 25 -14.19 -1.03 33.27
CA ALA F 25 -14.77 -1.89 34.28
C ALA F 25 -14.91 -3.34 33.84
N ARG F 26 -14.85 -3.60 32.52
CA ARG F 26 -14.89 -4.97 32.00
C ARG F 26 -13.70 -5.79 32.49
N SER F 27 -12.67 -5.13 32.99
CA SER F 27 -11.47 -5.84 33.40
C SER F 27 -10.68 -5.07 34.48
N HIS F 28 -10.88 -5.53 35.70
CA HIS F 28 -10.34 -4.92 36.90
C HIS F 28 -8.89 -5.33 37.13
N VAL F 29 -7.99 -4.95 36.22
CA VAL F 29 -6.60 -5.39 36.32
C VAL F 29 -5.80 -4.42 37.16
N GLU F 30 -4.71 -4.92 37.69
CA GLU F 30 -3.72 -4.11 38.37
C GLU F 30 -3.24 -2.92 37.51
N ARG F 31 -3.39 -1.73 38.07
CA ARG F 31 -3.08 -0.44 37.44
C ARG F 31 -1.83 0.27 37.98
N THR F 32 -1.31 -0.23 39.09
CA THR F 32 -0.17 0.37 39.77
C THR F 32 0.71 -0.72 40.39
N THR F 33 1.97 -0.39 40.61
CA THR F 33 2.87 -1.28 41.31
C THR F 33 3.51 -0.55 42.50
N ASP F 34 3.98 -1.35 43.46
CA ASP F 34 4.75 -0.84 44.57
C ASP F 34 5.99 -0.17 44.00
N GLU F 35 6.57 -0.82 42.99
CA GLU F 35 7.74 -0.30 42.27
C GLU F 35 7.50 1.16 41.80
N GLY F 36 6.30 1.45 41.28
CA GLY F 36 5.90 2.79 40.89
C GLY F 36 6.49 3.22 39.56
N THR F 37 6.96 2.25 38.79
CA THR F 37 7.74 2.50 37.58
C THR F 37 6.84 2.62 36.34
N TRP F 38 7.25 3.46 35.41
CA TRP F 38 6.49 3.63 34.18
C TRP F 38 7.13 2.78 33.06
N VAL F 39 6.58 1.58 32.86
CA VAL F 39 7.19 0.60 31.98
C VAL F 39 6.35 0.42 30.74
N ALA F 40 5.18 1.05 30.75
CA ALA F 40 4.27 0.86 29.65
C ALA F 40 3.57 2.10 29.23
N GLY F 41 2.89 2.00 28.11
CA GLY F 41 2.07 3.10 27.70
C GLY F 41 1.09 2.77 26.62
N VAL F 42 0.40 3.83 26.20
CA VAL F 42 -0.60 3.81 25.16
C VAL F 42 -0.36 5.07 24.28
N PHE F 43 -0.16 4.82 22.99
CA PHE F 43 0.16 5.85 21.99
C PHE F 43 -1.07 6.15 21.13
N VAL F 44 -1.60 7.36 21.30
CA VAL F 44 -2.93 7.70 20.82
C VAL F 44 -2.73 8.77 19.74
N TYR F 45 -3.24 8.56 18.53
CA TYR F 45 -3.00 9.53 17.48
C TYR F 45 -4.06 9.58 16.40
N GLY F 46 -3.95 10.57 15.52
CA GLY F 46 -4.87 10.71 14.41
C GLY F 46 -6.09 11.48 14.84
N GLY F 47 -7.18 11.24 14.15
CA GLY F 47 -8.43 11.88 14.43
C GLY F 47 -8.34 13.31 13.95
N SER F 48 -8.88 14.23 14.74
CA SER F 48 -8.60 15.65 14.57
C SER F 48 -7.86 16.17 15.78
N LYS F 49 -7.36 17.39 15.70
CA LYS F 49 -6.68 17.93 16.89
C LYS F 49 -7.60 18.09 18.07
N THR F 50 -8.83 18.56 17.81
CA THR F 50 -9.76 18.85 18.88
C THR F 50 -10.38 17.54 19.40
N SER F 51 -10.58 16.56 18.53
CA SER F 51 -11.13 15.27 18.98
C SER F 51 -10.13 14.53 19.85
N LEU F 52 -8.86 14.68 19.53
CA LEU F 52 -7.78 14.00 20.22
C LEU F 52 -7.56 14.59 21.59
N TYR F 53 -7.51 15.92 21.64
CA TYR F 53 -7.48 16.67 22.87
C TYR F 53 -8.66 16.29 23.79
N ASN F 54 -9.83 16.18 23.20
CA ASN F 54 -10.98 15.81 23.98
C ASN F 54 -10.79 14.43 24.58
N LEU F 55 -10.29 13.49 23.78
CA LEU F 55 -10.01 12.14 24.29
C LEU F 55 -8.97 12.20 25.45
N ARG F 56 -7.92 13.00 25.27
CA ARG F 56 -6.91 13.22 26.33
C ARG F 56 -7.50 13.79 27.62
N ARG F 57 -8.30 14.84 27.52
CA ARG F 57 -9.02 15.33 28.71
C ARG F 57 -9.95 14.24 29.35
N GLY F 58 -10.78 13.54 28.58
CA GLY F 58 -11.49 12.40 29.13
C GLY F 58 -10.62 11.34 29.81
N THR F 59 -9.50 10.96 29.21
CA THR F 59 -8.66 9.90 29.80
C THR F 59 -8.14 10.41 31.11
N ALA F 60 -7.80 11.69 31.20
CA ALA F 60 -7.31 12.25 32.47
C ALA F 60 -8.32 12.05 33.56
N LEU F 61 -9.56 12.40 33.24
CA LEU F 61 -10.65 12.28 34.21
C LEU F 61 -10.98 10.83 34.65
N ALA F 62 -10.97 9.89 33.71
CA ALA F 62 -11.23 8.48 34.00
C ALA F 62 -10.12 7.75 34.76
N ILE F 63 -8.85 8.06 34.51
CA ILE F 63 -7.78 7.27 35.06
C ILE F 63 -6.76 8.11 35.82
N PRO F 64 -6.97 8.32 37.12
CA PRO F 64 -5.95 9.03 37.89
C PRO F 64 -4.59 8.30 37.97
N GLN F 65 -4.52 7.04 37.57
CA GLN F 65 -3.27 6.31 37.71
C GLN F 65 -2.35 6.45 36.53
N CYS F 66 -2.70 7.27 35.55
CA CYS F 66 -1.86 7.48 34.39
C CYS F 66 -1.33 8.90 34.34
N ARG F 67 -0.46 9.12 33.38
CA ARG F 67 0.21 10.39 33.13
C ARG F 67 0.26 10.58 31.62
N LEU F 68 0.05 11.81 31.18
CA LEU F 68 -0.26 12.06 29.83
C LEU F 68 0.67 13.10 29.34
N THR F 69 1.17 12.92 28.13
CA THR F 69 1.79 14.02 27.44
C THR F 69 0.75 14.99 26.95
N PRO F 70 1.19 16.23 26.71
CA PRO F 70 0.30 17.05 25.89
C PRO F 70 0.29 16.48 24.47
N LEU F 71 -0.57 17.07 23.64
CA LEU F 71 -0.56 16.80 22.21
C LEU F 71 0.70 17.37 21.64
N SER F 72 1.21 16.69 20.62
CA SER F 72 2.25 17.22 19.76
C SER F 72 2.01 16.64 18.39
N ARG F 73 2.94 16.85 17.45
CA ARG F 73 2.68 16.46 16.08
C ARG F 73 3.54 15.24 15.74
N LEU F 74 3.05 14.43 14.84
CA LEU F 74 3.82 13.32 14.29
C LEU F 74 4.59 13.71 13.03
N PRO F 75 5.78 13.14 12.85
CA PRO F 75 6.44 13.26 11.56
C PRO F 75 5.70 12.47 10.49
N PHE F 76 6.12 12.64 9.24
CA PHE F 76 5.66 11.75 8.15
C PHE F 76 6.35 10.38 8.19
N GLY F 77 5.69 9.36 7.67
CA GLY F 77 6.32 8.09 7.42
C GLY F 77 7.05 8.01 6.07
N MET F 78 6.90 6.90 5.37
CA MET F 78 7.58 6.70 4.09
C MET F 78 6.84 7.34 2.94
N ALA F 79 7.59 7.92 2.02
CA ALA F 79 7.04 8.27 0.72
C ALA F 79 7.05 7.01 -0.14
N PRO F 80 5.97 6.77 -0.89
CA PRO F 80 5.97 5.58 -1.76
C PRO F 80 7.03 5.65 -2.85
N GLY F 81 7.62 4.50 -3.20
CA GLY F 81 8.50 4.47 -4.34
C GLY F 81 9.94 4.85 -4.03
N PRO F 82 10.78 4.90 -5.06
CA PRO F 82 12.21 5.02 -4.85
C PRO F 82 12.70 6.45 -4.85
N GLY F 83 11.77 7.37 -4.69
CA GLY F 83 12.06 8.79 -4.84
C GLY F 83 12.44 9.41 -3.52
N PRO F 84 12.42 10.76 -3.46
CA PRO F 84 12.76 11.52 -2.25
C PRO F 84 11.85 11.18 -1.11
N GLN F 85 12.40 11.25 0.09
CA GLN F 85 11.69 10.93 1.31
C GLN F 85 11.64 12.15 2.23
N PRO F 86 10.61 12.23 3.08
CA PRO F 86 10.54 13.40 3.96
C PRO F 86 11.70 13.43 4.94
N GLY F 87 12.10 14.61 5.35
CA GLY F 87 13.19 14.71 6.30
C GLY F 87 12.76 14.11 7.62
N PRO F 88 13.72 13.60 8.43
CA PRO F 88 13.26 13.04 9.71
C PRO F 88 12.54 14.05 10.56
N LEU F 89 12.75 15.33 10.29
CA LEU F 89 12.21 16.35 11.16
C LEU F 89 10.91 16.93 10.63
N ARG F 90 10.60 16.69 9.36
CA ARG F 90 9.39 17.20 8.74
C ARG F 90 8.21 16.83 9.59
N GLU F 91 7.32 17.79 9.85
CA GLU F 91 6.18 17.51 10.75
C GLU F 91 4.90 17.61 9.98
N SER F 92 3.98 16.68 10.24
CA SER F 92 2.64 16.66 9.66
C SER F 92 1.69 17.38 10.60
N ILE F 93 0.42 17.49 10.22
CA ILE F 93 -0.56 18.11 11.12
C ILE F 93 -1.26 17.03 11.95
N VAL F 94 -0.82 15.77 11.81
CA VAL F 94 -1.47 14.69 12.55
C VAL F 94 -0.98 14.80 13.98
N CYS F 95 -1.88 14.79 14.96
CA CYS F 95 -1.41 14.86 16.35
C CYS F 95 -1.41 13.50 17.07
N TYR F 96 -0.78 13.47 18.24
CA TYR F 96 -0.67 12.28 19.08
C TYR F 96 -0.51 12.69 20.53
N PHE F 97 -0.78 11.78 21.44
CA PHE F 97 -0.35 11.94 22.82
C PHE F 97 -0.12 10.58 23.38
N MET F 98 0.69 10.55 24.44
CA MET F 98 1.13 9.33 25.09
C MET F 98 0.63 9.25 26.50
N VAL F 99 0.30 8.02 26.89
CA VAL F 99 -0.15 7.71 28.25
C VAL F 99 0.86 6.77 28.88
N PHE F 100 1.35 7.16 30.04
CA PHE F 100 2.26 6.35 30.81
C PHE F 100 1.51 5.52 31.87
N LEU F 101 1.80 4.24 31.92
CA LEU F 101 1.10 3.35 32.82
C LEU F 101 2.14 2.45 33.54
N GLN F 102 1.79 1.99 34.73
CA GLN F 102 2.75 1.28 35.56
C GLN F 102 2.63 -0.23 35.31
N THR F 103 1.67 -0.64 34.50
CA THR F 103 1.57 -2.05 34.12
C THR F 103 1.28 -2.21 32.65
N HIS F 104 1.89 -3.27 32.10
CA HIS F 104 1.66 -3.71 30.73
C HIS F 104 0.21 -4.16 30.50
N ILE F 105 -0.37 -4.82 31.49
CA ILE F 105 -1.67 -5.38 31.31
C ILE F 105 -2.76 -4.30 31.33
N PHE F 106 -2.57 -3.22 32.09
CA PHE F 106 -3.58 -2.17 32.06
C PHE F 106 -3.42 -1.37 30.78
N ALA F 107 -2.19 -1.27 30.29
CA ALA F 107 -1.98 -0.71 28.99
C ALA F 107 -2.75 -1.47 27.93
N GLU F 108 -2.78 -2.80 27.96
CA GLU F 108 -3.59 -3.58 27.00
C GLU F 108 -5.08 -3.27 27.14
N VAL F 109 -5.55 -3.31 28.38
CA VAL F 109 -6.95 -2.99 28.70
C VAL F 109 -7.31 -1.58 28.22
N LEU F 110 -6.47 -0.60 28.49
CA LEU F 110 -6.77 0.79 28.09
C LEU F 110 -6.80 0.93 26.56
N LYS F 111 -5.93 0.23 25.84
CA LYS F 111 -5.95 0.32 24.39
C LYS F 111 -7.29 -0.24 23.84
N ASP F 112 -7.77 -1.35 24.41
CA ASP F 112 -9.00 -1.97 23.93
C ASP F 112 -10.15 -1.03 24.20
N ALA F 113 -10.05 -0.31 25.31
CA ALA F 113 -11.13 0.56 25.75
C ALA F 113 -11.24 1.75 24.85
N ILE F 114 -10.12 2.44 24.62
CA ILE F 114 -10.10 3.57 23.68
C ILE F 114 -10.63 3.17 22.31
N LYS F 115 -10.15 2.01 21.84
CA LYS F 115 -10.54 1.50 20.51
C LYS F 115 -12.00 1.20 20.40
N ASP F 116 -12.51 0.44 21.35
CA ASP F 116 -13.92 0.13 21.38
C ASP F 116 -14.76 1.40 21.51
N LEU F 117 -14.23 2.41 22.23
CA LEU F 117 -14.98 3.63 22.46
C LEU F 117 -15.08 4.45 21.20
N VAL F 118 -13.95 4.71 20.55
CA VAL F 118 -14.03 5.59 19.40
C VAL F 118 -14.70 4.93 18.19
N MET F 119 -14.72 3.60 18.12
CA MET F 119 -15.28 3.00 16.92
C MET F 119 -16.77 3.22 16.86
N THR F 120 -17.40 3.58 17.96
CA THR F 120 -18.81 3.87 17.88
C THR F 120 -19.12 5.34 17.68
N LYS F 121 -18.08 6.14 17.55
CA LYS F 121 -18.25 7.59 17.51
C LYS F 121 -18.18 8.10 16.10
N PRO F 122 -18.69 9.29 15.87
CA PRO F 122 -18.58 9.85 14.54
C PRO F 122 -17.15 10.23 14.14
N ALA F 123 -16.95 10.37 12.84
CA ALA F 123 -15.73 11.03 12.36
C ALA F 123 -15.70 12.46 12.90
N PRO F 124 -14.50 12.96 13.23
CA PRO F 124 -13.20 12.30 13.04
C PRO F 124 -12.76 11.45 14.25
N THR F 125 -13.53 11.42 15.34
CA THR F 125 -13.17 10.66 16.54
C THR F 125 -12.92 9.16 16.20
N CYS F 126 -13.74 8.60 15.32
CA CYS F 126 -13.60 7.20 14.96
C CYS F 126 -12.27 6.94 14.23
N ASN F 127 -11.62 7.97 13.70
CA ASN F 127 -10.33 7.79 13.01
C ASN F 127 -9.09 7.87 13.92
N ILE F 128 -9.31 8.03 15.21
CA ILE F 128 -8.23 7.95 16.17
C ILE F 128 -7.71 6.53 16.29
N ARG F 129 -6.40 6.38 16.23
CA ARG F 129 -5.75 5.08 16.37
C ARG F 129 -5.00 5.00 17.66
N VAL F 130 -4.70 3.78 18.09
CA VAL F 130 -3.99 3.60 19.33
C VAL F 130 -3.20 2.35 19.28
N THR F 131 -2.07 2.33 19.93
CA THR F 131 -1.31 1.10 20.12
C THR F 131 -0.65 1.09 21.50
N VAL F 132 -0.57 -0.08 22.12
CA VAL F 132 0.20 -0.26 23.31
C VAL F 132 1.62 0.01 22.91
N CYS F 133 2.36 0.58 23.82
CA CYS F 133 3.80 0.53 23.67
C CYS F 133 4.42 0.11 25.01
N SER F 134 5.67 -0.29 24.97
CA SER F 134 6.34 -0.68 26.21
C SER F 134 7.77 -0.22 26.11
N PHE F 135 8.33 0.14 27.27
CA PHE F 135 9.62 0.82 27.36
C PHE F 135 10.56 -0.16 28.01
N ASP F 136 11.52 -0.65 27.24
CA ASP F 136 12.50 -1.62 27.74
C ASP F 136 13.10 -1.26 29.09
N ASP F 137 13.42 0.01 29.29
CA ASP F 137 14.14 0.41 30.50
C ASP F 137 13.35 1.38 31.37
N GLY F 138 12.03 1.37 31.22
CA GLY F 138 11.19 2.25 32.03
C GLY F 138 11.33 3.69 31.56
N VAL F 139 10.46 4.58 32.03
CA VAL F 139 10.64 6.03 31.85
C VAL F 139 10.57 6.67 33.22
N ASP F 140 11.63 7.42 33.54
CA ASP F 140 11.76 8.00 34.87
C ASP F 140 11.20 9.43 34.86
N LEU F 141 9.87 9.51 34.81
CA LEU F 141 9.13 10.75 34.88
C LEU F 141 9.48 11.41 36.20
N PRO F 142 9.58 12.74 36.23
CA PRO F 142 10.11 13.40 37.45
C PRO F 142 9.13 13.39 38.61
N PRO F 143 9.67 13.38 39.83
CA PRO F 143 8.85 13.35 41.02
C PRO F 143 8.13 14.65 41.19
N TRP F 144 6.91 14.63 41.74
CA TRP F 144 6.13 15.84 41.86
C TRP F 144 5.89 16.25 43.30
N PHE F 145 6.25 17.48 43.62
CA PHE F 145 5.92 18.01 44.93
C PHE F 145 5.23 19.36 44.73
N PRO F 146 4.10 19.61 45.43
CA PRO F 146 3.33 20.84 45.18
C PRO F 146 4.18 22.10 45.36
N PRO F 147 4.16 23.04 44.38
CA PRO F 147 5.12 24.15 44.49
C PRO F 147 4.95 25.16 45.70
N MET F 148 3.81 25.66 46.19
CA MET F 148 2.41 25.54 45.71
C MET F 148 1.92 24.12 45.59
#